data_5KZD
#
_entry.id   5KZD
#
_cell.length_a   81.477
_cell.length_b   109.444
_cell.length_c   130.752
_cell.angle_alpha   90.000
_cell.angle_beta   90.000
_cell.angle_gamma   90.000
#
_symmetry.space_group_name_H-M   'P 21 21 21'
#
loop_
_entity.id
_entity.type
_entity.pdbx_description
1 polymer 'N-acetylneuraminate lyase'
2 non-polymer '(2~{S},4~{S},5~{R},6~{R},7~{S},8~{R})-5-acetamido-2,4,6,7,8,9-hexakis(oxidanyl)nonanoic acid'
3 water water
#
_entity_poly.entity_id   1
_entity_poly.type   'polypeptide(L)'
_entity_poly.pdbx_seq_one_letter_code
;MNKDLKGLYAALLVPFDENGQVNEQGLKQIAQNAIETEELDGLYVNGSSGENFLLNTEQKKQVFKVAKEAVGDKVKLIAQ
VGSLDLNEAIELGKYATELGYDALSAVTPFYYPFTFEEIRDYYFDIIEATQNNMIIYAIPDLTGVNISIEQFSELFNHEK
IVGVKYTAPNFFLLERIRKAFPDKLILSGFDEMLVQATISGVDGAIGSTYNVNGRRARKIFDLARQGQIQEAYQLQHDSN
DIIETVLSMGIYPTLKEILRHRGIDAGLPKRPFKPFNEAHRQTLDQLIAKYDL
;
_entity_poly.pdbx_strand_id   A,B,C,D
#
# COMPACT_ATOMS: atom_id res chain seq x y z
N ASN A 2 28.29 24.98 21.16
CA ASN A 2 27.13 25.57 20.48
C ASN A 2 25.83 25.28 21.24
N LYS A 3 24.70 25.61 20.61
CA LYS A 3 23.37 25.41 21.21
C LYS A 3 22.93 23.96 21.09
N ASP A 4 22.19 23.46 22.08
CA ASP A 4 21.59 22.15 21.97
C ASP A 4 20.12 22.28 21.58
N LEU A 5 19.79 21.58 20.50
CA LEU A 5 18.72 21.97 19.61
C LEU A 5 17.31 21.54 19.97
N LYS A 6 16.94 21.68 21.24
CA LYS A 6 15.55 21.49 21.63
C LYS A 6 14.68 22.65 21.09
N GLY A 7 13.38 22.42 20.97
CA GLY A 7 12.46 23.52 20.66
C GLY A 7 11.69 23.43 19.36
N LEU A 8 11.10 24.57 18.99
CA LEU A 8 10.21 24.65 17.82
C LEU A 8 10.80 25.43 16.68
N TYR A 9 10.79 24.83 15.49
CA TYR A 9 11.40 25.42 14.33
C TYR A 9 10.39 25.63 13.21
N ALA A 10 10.50 26.75 12.50
CA ALA A 10 9.77 26.85 11.24
C ALA A 10 10.51 26.10 10.15
N ALA A 11 9.78 25.30 9.37
CA ALA A 11 10.31 24.80 8.13
C ALA A 11 10.23 25.96 7.16
N LEU A 12 11.36 26.60 6.92
CA LEU A 12 11.42 27.88 6.20
C LEU A 12 10.85 27.84 4.77
N LEU A 13 9.79 28.61 4.55
CA LEU A 13 9.15 28.76 3.23
C LEU A 13 9.94 29.77 2.39
N VAL A 14 9.94 29.57 1.07
CA VAL A 14 10.78 30.38 0.18
C VAL A 14 9.96 31.00 -0.95
N PRO A 15 10.10 32.33 -1.15
CA PRO A 15 9.38 33.07 -2.20
C PRO A 15 10.16 33.10 -3.52
N PHE A 16 9.49 32.86 -4.65
CA PHE A 16 10.16 32.88 -5.95
C PHE A 16 9.52 33.91 -6.90
N ASP A 17 10.34 34.48 -7.79
CA ASP A 17 9.82 35.20 -8.95
C ASP A 17 9.25 34.19 -9.97
N GLU A 18 8.72 34.68 -11.09
CA GLU A 18 8.01 33.81 -12.03
C GLU A 18 8.93 32.95 -12.90
N ASN A 19 10.23 33.20 -12.80
CA ASN A 19 11.23 32.34 -13.43
C ASN A 19 11.82 31.31 -12.48
N GLY A 20 11.34 31.31 -11.25
CA GLY A 20 11.80 30.33 -10.28
C GLY A 20 13.09 30.71 -9.57
N GLN A 21 13.42 32.00 -9.61
CA GLN A 21 14.59 32.51 -8.87
C GLN A 21 14.16 33.01 -7.49
N VAL A 22 15.03 32.79 -6.51
CA VAL A 22 14.75 33.19 -5.15
C VAL A 22 14.62 34.71 -5.02
N ASN A 23 13.51 35.14 -4.45
CA ASN A 23 13.33 36.51 -4.02
C ASN A 23 14.06 36.70 -2.69
N GLU A 24 15.29 37.19 -2.71
CA GLU A 24 16.09 37.22 -1.47
C GLU A 24 15.54 38.17 -0.41
N GLN A 25 14.88 39.25 -0.82
CA GLN A 25 14.38 40.16 0.21
C GLN A 25 13.12 39.58 0.84
N GLY A 26 12.23 39.00 0.04
CA GLY A 26 11.07 38.30 0.57
C GLY A 26 11.44 37.12 1.47
N LEU A 27 12.54 36.44 1.13
CA LEU A 27 13.03 35.34 1.96
C LEU A 27 13.48 35.86 3.32
N LYS A 28 14.26 36.93 3.32
CA LYS A 28 14.73 37.59 4.54
C LYS A 28 13.55 38.00 5.42
N GLN A 29 12.43 38.37 4.80
CA GLN A 29 11.22 38.72 5.52
C GLN A 29 10.50 37.49 6.09
N ILE A 30 10.46 36.41 5.32
CA ILE A 30 9.86 35.18 5.83
C ILE A 30 10.63 34.65 7.02
N ALA A 31 11.95 34.76 6.94
CA ALA A 31 12.85 34.28 7.99
C ALA A 31 12.62 35.02 9.32
N GLN A 32 12.47 36.33 9.24
CA GLN A 32 12.33 37.13 10.46
C GLN A 32 10.92 37.00 10.97
N ASN A 33 9.99 36.75 10.04
CA ASN A 33 8.63 36.48 10.44
C ASN A 33 8.54 35.34 11.44
N ALA A 34 9.26 34.26 11.16
CA ALA A 34 9.21 33.04 11.99
C ALA A 34 9.76 33.26 13.38
N ILE A 35 10.81 34.07 13.46
CA ILE A 35 11.53 34.30 14.73
C ILE A 35 10.92 35.44 15.53
N GLU A 36 10.76 36.59 14.88
CA GLU A 36 10.26 37.80 15.53
C GLU A 36 8.75 37.75 15.79
N THR A 37 7.95 37.37 14.79
CA THR A 37 6.50 37.33 14.94
C THR A 37 5.95 36.03 15.57
N GLU A 38 6.37 34.85 15.11
CA GLU A 38 5.85 33.62 15.69
C GLU A 38 6.68 33.14 16.91
N GLU A 39 7.77 33.85 17.20
CA GLU A 39 8.59 33.61 18.39
C GLU A 39 9.14 32.18 18.47
N LEU A 40 9.54 31.63 17.33
CA LEU A 40 10.09 30.27 17.28
C LEU A 40 11.56 30.24 17.68
N ASP A 41 12.02 29.08 18.13
CA ASP A 41 13.38 28.89 18.61
C ASP A 41 14.41 28.78 17.47
N GLY A 42 13.95 28.44 16.27
CA GLY A 42 14.89 28.17 15.19
C GLY A 42 14.32 28.02 13.80
N LEU A 43 15.20 27.93 12.81
CA LEU A 43 14.78 27.71 11.44
C LEU A 43 15.28 26.37 10.99
N TYR A 44 14.44 25.64 10.26
CA TYR A 44 14.86 24.42 9.56
C TYR A 44 14.91 24.78 8.08
N VAL A 45 16.12 24.85 7.52
CA VAL A 45 16.34 25.45 6.20
C VAL A 45 16.65 24.46 5.06
N ASN A 46 15.98 24.67 3.93
CA ASN A 46 16.06 23.81 2.74
C ASN A 46 15.48 22.42 3.01
N GLY A 47 14.48 22.36 3.88
CA GLY A 47 13.68 21.16 3.97
C GLY A 47 12.67 21.20 2.83
N SER A 48 11.79 20.21 2.78
CA SER A 48 10.84 20.10 1.68
C SER A 48 9.81 21.22 1.67
N SER A 49 9.63 21.92 2.79
CA SER A 49 8.68 23.04 2.82
C SER A 49 9.21 24.26 2.09
N GLY A 50 10.53 24.37 1.99
CA GLY A 50 11.16 25.44 1.24
C GLY A 50 11.42 25.02 -0.19
N GLU A 51 10.71 23.99 -0.65
CA GLU A 51 10.76 23.53 -2.04
C GLU A 51 12.19 23.22 -2.48
N ASN A 52 12.97 22.71 -1.54
CA ASN A 52 14.39 22.44 -1.74
C ASN A 52 14.72 21.50 -2.91
N PHE A 53 13.88 20.50 -3.14
CA PHE A 53 14.24 19.49 -4.14
C PHE A 53 13.86 19.93 -5.54
N LEU A 54 13.27 21.12 -5.63
CA LEU A 54 13.05 21.83 -6.89
C LEU A 54 14.20 22.75 -7.29
N LEU A 55 15.14 22.97 -6.36
CA LEU A 55 16.24 23.93 -6.55
C LEU A 55 17.52 23.33 -7.15
N ASN A 56 18.38 24.21 -7.68
CA ASN A 56 19.75 23.84 -8.01
C ASN A 56 20.67 24.19 -6.85
N THR A 57 21.90 23.69 -6.92
CA THR A 57 22.85 23.79 -5.81
C THR A 57 23.16 25.22 -5.40
N GLU A 58 23.29 26.11 -6.38
CA GLU A 58 23.60 27.51 -6.08
C GLU A 58 22.45 28.22 -5.39
N GLN A 59 21.22 27.84 -5.74
CA GLN A 59 20.07 28.40 -5.06
C GLN A 59 19.98 27.90 -3.62
N LYS A 60 20.37 26.64 -3.42
CA LYS A 60 20.35 26.05 -2.10
C LYS A 60 21.32 26.78 -1.17
N LYS A 61 22.53 27.02 -1.65
CA LYS A 61 23.51 27.81 -0.90
C LYS A 61 22.98 29.22 -0.68
N GLN A 62 22.29 29.74 -1.69
CA GLN A 62 21.73 31.07 -1.63
C GLN A 62 20.76 31.19 -0.46
N VAL A 63 19.86 30.21 -0.35
CA VAL A 63 18.89 30.16 0.74
C VAL A 63 19.58 29.93 2.09
N PHE A 64 20.67 29.17 2.11
CA PHE A 64 21.40 28.99 3.37
C PHE A 64 21.98 30.33 3.79
N LYS A 65 22.42 31.11 2.80
CA LYS A 65 23.15 32.35 3.05
C LYS A 65 22.21 33.41 3.59
N VAL A 66 21.13 33.66 2.84
CA VAL A 66 20.16 34.66 3.22
C VAL A 66 19.52 34.35 4.58
N ALA A 67 19.12 33.10 4.79
CA ALA A 67 18.45 32.73 6.04
C ALA A 67 19.34 32.98 7.25
N LYS A 68 20.64 32.67 7.13
CA LYS A 68 21.58 32.91 8.23
C LYS A 68 21.78 34.40 8.52
N GLU A 69 21.97 35.18 7.45
CA GLU A 69 22.08 36.62 7.55
C GLU A 69 20.88 37.25 8.27
N ALA A 70 19.69 36.79 7.95
CA ALA A 70 18.45 37.42 8.39
C ALA A 70 18.17 37.27 9.88
N VAL A 71 18.88 36.37 10.54
CA VAL A 71 18.58 36.09 11.95
C VAL A 71 19.76 36.27 12.90
N GLY A 72 19.44 36.58 14.16
CA GLY A 72 20.45 36.77 15.19
C GLY A 72 21.16 35.48 15.52
N ASP A 73 22.30 35.59 16.19
CA ASP A 73 23.11 34.42 16.54
C ASP A 73 22.48 33.49 17.58
N LYS A 74 21.42 33.92 18.25
CA LYS A 74 20.76 33.10 19.26
C LYS A 74 19.73 32.13 18.64
N VAL A 75 19.34 32.42 17.40
CA VAL A 75 18.48 31.53 16.61
C VAL A 75 19.16 30.19 16.33
N LYS A 76 18.49 29.09 16.65
CA LYS A 76 19.00 27.77 16.27
C LYS A 76 18.76 27.53 14.77
N LEU A 77 19.76 27.01 14.08
CA LEU A 77 19.66 26.83 12.64
C LEU A 77 20.09 25.42 12.24
N ILE A 78 19.19 24.71 11.55
CA ILE A 78 19.47 23.38 11.04
C ILE A 78 19.40 23.38 9.52
N ALA A 79 20.44 22.84 8.90
CA ALA A 79 20.53 22.80 7.46
C ALA A 79 20.23 21.42 6.91
N GLN A 80 19.15 21.38 6.14
CA GLN A 80 18.83 20.19 5.36
C GLN A 80 19.65 20.14 4.11
N VAL A 81 20.58 19.20 4.06
CA VAL A 81 21.47 19.10 2.93
C VAL A 81 21.35 17.77 2.21
N GLY A 82 20.30 17.02 2.51
CA GLY A 82 20.06 15.75 1.84
C GLY A 82 19.76 15.93 0.37
N SER A 83 20.45 15.13 -0.43
CA SER A 83 20.27 15.07 -1.86
C SER A 83 20.59 13.66 -2.32
N LEU A 84 20.08 13.30 -3.50
CA LEU A 84 20.41 12.03 -4.13
C LEU A 84 21.84 12.07 -4.67
N ASP A 85 22.31 13.28 -4.94
CA ASP A 85 23.69 13.49 -5.31
C ASP A 85 24.49 13.66 -4.01
N LEU A 86 25.18 12.60 -3.61
CA LEU A 86 25.99 12.62 -2.40
C LEU A 86 27.12 13.65 -2.45
N ASN A 87 27.63 13.94 -3.64
CA ASN A 87 28.62 15.01 -3.78
C ASN A 87 27.99 16.37 -3.47
N GLU A 88 26.79 16.58 -4.01
CA GLU A 88 26.05 17.79 -3.74
C GLU A 88 25.78 17.92 -2.25
N ALA A 89 25.42 16.81 -1.61
CA ALA A 89 25.03 16.85 -0.21
C ALA A 89 26.23 17.21 0.65
N ILE A 90 27.38 16.62 0.32
CA ILE A 90 28.62 16.86 1.05
C ILE A 90 29.04 18.33 0.90
N GLU A 91 29.02 18.81 -0.33
CA GLU A 91 29.28 20.22 -0.64
C GLU A 91 28.37 21.17 0.16
N LEU A 92 27.07 20.92 0.11
CA LEU A 92 26.09 21.72 0.86
C LEU A 92 26.31 21.63 2.35
N GLY A 93 26.66 20.45 2.83
CA GLY A 93 26.91 20.26 4.24
C GLY A 93 28.14 21.03 4.68
N LYS A 94 29.15 21.06 3.82
CA LYS A 94 30.38 21.78 4.12
C LYS A 94 30.08 23.29 4.18
N TYR A 95 29.41 23.77 3.14
CA TYR A 95 29.00 25.17 3.04
C TYR A 95 28.22 25.64 4.26
N ALA A 96 27.17 24.90 4.62
CA ALA A 96 26.27 25.30 5.68
C ALA A 96 26.98 25.28 7.00
N THR A 97 27.97 24.39 7.09
CA THR A 97 28.79 24.25 8.27
C THR A 97 29.73 25.44 8.45
N GLU A 98 30.36 25.86 7.36
CA GLU A 98 31.21 27.05 7.38
C GLU A 98 30.40 28.33 7.70
N LEU A 99 29.17 28.42 7.18
CA LEU A 99 28.30 29.55 7.46
C LEU A 99 28.01 29.64 8.95
N GLY A 100 28.11 28.50 9.61
CA GLY A 100 27.89 28.44 11.04
C GLY A 100 26.67 27.66 11.48
N TYR A 101 25.97 26.95 10.58
CA TYR A 101 24.76 26.20 10.98
C TYR A 101 25.04 25.17 12.09
N ASP A 102 24.12 25.10 13.07
CA ASP A 102 24.33 24.31 14.30
C ASP A 102 24.31 22.79 14.03
N ALA A 103 23.54 22.37 13.03
CA ALA A 103 23.46 20.94 12.68
C ALA A 103 23.04 20.78 11.23
N LEU A 104 23.43 19.66 10.65
CA LEU A 104 22.95 19.27 9.34
C LEU A 104 21.86 18.25 9.52
N SER A 105 21.16 17.98 8.43
CA SER A 105 20.08 17.01 8.40
C SER A 105 19.97 16.53 6.96
N ALA A 106 19.59 15.27 6.77
CA ALA A 106 19.60 14.70 5.43
C ALA A 106 18.47 13.71 5.24
N VAL A 107 17.68 13.91 4.21
CA VAL A 107 16.63 12.97 3.87
C VAL A 107 17.27 11.63 3.50
N THR A 108 16.62 10.52 3.85
CA THR A 108 17.12 9.22 3.42
C THR A 108 17.07 9.20 1.89
N PRO A 109 18.06 8.57 1.26
CA PRO A 109 18.12 8.37 -0.20
C PRO A 109 16.84 7.72 -0.72
N PHE A 110 16.20 8.34 -1.71
CA PHE A 110 14.90 7.92 -2.20
C PHE A 110 14.96 7.66 -3.70
N TYR A 111 13.79 7.52 -4.33
CA TYR A 111 13.65 7.08 -5.73
C TYR A 111 14.15 5.62 -6.01
N TYR A 112 15.41 5.33 -5.72
CA TYR A 112 15.93 3.96 -5.90
C TYR A 112 15.75 3.08 -4.67
N PRO A 113 15.58 1.77 -4.86
CA PRO A 113 15.52 0.87 -3.70
C PRO A 113 16.86 0.67 -2.96
N PHE A 114 17.38 1.71 -2.31
CA PHE A 114 18.65 1.58 -1.57
C PHE A 114 18.53 0.61 -0.39
N THR A 115 19.57 -0.19 -0.16
CA THR A 115 19.61 -1.09 0.99
C THR A 115 19.84 -0.29 2.26
N PHE A 116 19.68 -0.90 3.43
CA PHE A 116 19.95 -0.18 4.67
C PHE A 116 21.40 0.26 4.75
N GLU A 117 22.31 -0.64 4.37
CA GLU A 117 23.74 -0.38 4.39
C GLU A 117 24.11 0.83 3.53
N GLU A 118 23.51 0.94 2.36
CA GLU A 118 23.77 2.08 1.50
C GLU A 118 23.29 3.37 2.16
N ILE A 119 22.14 3.30 2.82
CA ILE A 119 21.61 4.44 3.58
C ILE A 119 22.49 4.82 4.76
N ARG A 120 22.87 3.82 5.56
CA ARG A 120 23.76 4.05 6.69
C ARG A 120 25.04 4.78 6.27
N ASP A 121 25.64 4.33 5.18
CA ASP A 121 26.94 4.87 4.78
C ASP A 121 26.84 6.20 4.02
N TYR A 122 25.64 6.49 3.50
CA TYR A 122 25.32 7.82 2.98
C TYR A 122 25.43 8.85 4.11
N TYR A 123 24.76 8.57 5.22
CA TYR A 123 24.84 9.40 6.42
C TYR A 123 26.26 9.43 6.98
N PHE A 124 26.94 8.28 6.99
CA PHE A 124 28.28 8.25 7.54
C PHE A 124 29.25 9.05 6.64
N ASP A 125 29.10 8.94 5.31
CA ASP A 125 29.93 9.72 4.39
C ASP A 125 29.78 11.24 4.61
N ILE A 126 28.54 11.71 4.69
CA ILE A 126 28.26 13.14 4.90
C ILE A 126 28.85 13.63 6.22
N ILE A 127 28.74 12.82 7.27
CA ILE A 127 29.23 13.18 8.61
C ILE A 127 30.74 13.36 8.65
N GLU A 128 31.45 12.41 8.06
CA GLU A 128 32.90 12.43 8.06
C GLU A 128 33.44 13.62 7.25
N ALA A 129 32.80 13.91 6.11
CA ALA A 129 33.20 15.00 5.23
C ALA A 129 32.91 16.39 5.82
N THR A 130 32.02 16.47 6.81
CA THR A 130 31.62 17.76 7.35
C THR A 130 31.95 17.94 8.84
N GLN A 131 32.13 16.82 9.55
CA GLN A 131 32.33 16.83 11.00
C GLN A 131 31.28 17.64 11.76
N ASN A 132 30.09 17.75 11.19
CA ASN A 132 28.98 18.42 11.87
C ASN A 132 28.05 17.37 12.45
N ASN A 133 27.26 17.77 13.45
CA ASN A 133 26.19 16.91 13.93
C ASN A 133 25.12 16.70 12.84
N MET A 134 24.55 15.49 12.80
CA MET A 134 23.60 15.14 11.75
C MET A 134 22.25 14.82 12.38
N ILE A 135 21.17 15.22 11.71
CA ILE A 135 19.83 14.82 12.10
C ILE A 135 19.21 13.98 10.99
N ILE A 136 18.93 12.70 11.24
CA ILE A 136 18.42 11.82 10.19
C ILE A 136 16.91 11.89 10.05
N TYR A 137 16.40 11.36 8.93
CA TYR A 137 14.96 11.26 8.64
C TYR A 137 14.67 10.68 7.25
N ALA A 138 13.50 10.05 7.10
CA ALA A 138 13.07 9.47 5.81
C ALA A 138 11.89 10.21 5.18
N ILE A 147 14.03 0.86 8.59
CA ILE A 147 13.24 1.67 9.52
C ILE A 147 13.22 0.97 10.89
N SER A 148 13.84 -0.21 10.94
CA SER A 148 13.87 -1.05 12.15
C SER A 148 14.44 -0.35 13.37
N ILE A 149 14.30 -0.96 14.54
CA ILE A 149 14.86 -0.37 15.76
C ILE A 149 16.37 -0.61 15.80
N GLU A 150 16.83 -1.80 15.42
CA GLU A 150 18.27 -2.05 15.38
C GLU A 150 18.90 -1.21 14.28
N GLN A 151 18.19 -1.07 13.17
CA GLN A 151 18.63 -0.20 12.09
C GLN A 151 18.74 1.24 12.60
N PHE A 152 17.74 1.69 13.36
CA PHE A 152 17.86 2.95 14.10
C PHE A 152 19.03 2.93 15.08
N SER A 153 19.24 1.80 15.75
CA SER A 153 20.27 1.70 16.78
C SER A 153 21.67 1.76 16.20
N GLU A 154 21.81 1.29 14.98
CA GLU A 154 23.09 1.30 14.31
C GLU A 154 23.49 2.74 13.93
N LEU A 155 22.53 3.49 13.36
CA LEU A 155 22.77 4.89 13.04
C LEU A 155 23.04 5.72 14.29
N PHE A 156 22.19 5.50 15.30
CA PHE A 156 22.24 6.24 16.54
C PHE A 156 23.47 5.92 17.37
N ASN A 157 24.16 4.83 17.04
CA ASN A 157 25.42 4.46 17.69
C ASN A 157 26.47 5.55 17.49
N HIS A 158 26.28 6.34 16.43
CA HIS A 158 27.22 7.37 16.02
C HIS A 158 26.95 8.63 16.79
N GLU A 159 27.97 9.17 17.44
CA GLU A 159 27.79 10.30 18.35
C GLU A 159 27.50 11.64 17.60
N LYS A 160 27.68 11.63 16.29
CA LYS A 160 27.42 12.81 15.48
C LYS A 160 25.96 12.81 15.04
N ILE A 161 25.33 11.64 14.99
CA ILE A 161 23.90 11.61 14.73
C ILE A 161 23.18 11.89 16.04
N VAL A 162 22.79 13.15 16.22
CA VAL A 162 22.32 13.61 17.51
C VAL A 162 20.82 13.37 17.66
N GLY A 163 20.17 13.01 16.56
CA GLY A 163 18.76 12.69 16.60
C GLY A 163 18.09 12.54 15.24
N VAL A 164 16.77 12.66 15.24
CA VAL A 164 15.97 12.30 14.08
C VAL A 164 14.78 13.22 13.93
N LYS A 165 14.52 13.69 12.71
CA LYS A 165 13.29 14.40 12.42
C LYS A 165 12.25 13.34 12.11
N TYR A 166 11.34 13.13 13.04
CA TYR A 166 10.44 11.99 12.98
C TYR A 166 9.13 12.38 12.27
N THR A 167 8.86 11.77 11.13
CA THR A 167 7.74 12.23 10.31
C THR A 167 6.69 11.14 10.03
N ALA A 168 7.03 9.91 10.36
CA ALA A 168 6.11 8.78 10.22
C ALA A 168 5.09 8.82 11.35
N PRO A 169 3.81 8.84 11.01
CA PRO A 169 2.80 9.11 12.06
C PRO A 169 2.46 7.88 12.90
N ASN A 170 3.49 7.12 13.28
CA ASN A 170 3.33 5.88 14.03
C ASN A 170 3.78 6.07 15.48
N PHE A 171 2.84 6.05 16.41
CA PHE A 171 3.19 6.33 17.79
C PHE A 171 3.58 5.09 18.59
N PHE A 172 3.48 3.89 18.00
CA PHE A 172 4.08 2.74 18.65
C PHE A 172 5.60 2.85 18.45
N LEU A 173 6.02 3.00 17.21
CA LEU A 173 7.44 3.13 16.89
C LEU A 173 8.09 4.36 17.56
N LEU A 174 7.35 5.47 17.67
CA LEU A 174 7.91 6.69 18.26
C LEU A 174 8.22 6.45 19.73
N GLU A 175 7.26 5.82 20.42
CA GLU A 175 7.43 5.42 21.81
C GLU A 175 8.61 4.45 21.97
N ARG A 176 8.74 3.52 21.04
CA ARG A 176 9.82 2.53 21.06
C ARG A 176 11.18 3.22 20.92
N ILE A 177 11.26 4.26 20.10
CA ILE A 177 12.49 5.02 19.94
C ILE A 177 12.76 5.89 21.18
N ARG A 178 11.74 6.57 21.72
CA ARG A 178 11.97 7.43 22.89
C ARG A 178 12.51 6.63 24.05
N LYS A 179 11.95 5.44 24.28
CA LYS A 179 12.49 4.58 25.32
C LYS A 179 13.92 4.12 25.03
N ALA A 180 14.18 3.65 23.82
CA ALA A 180 15.47 3.03 23.51
C ALA A 180 16.60 4.07 23.46
N PHE A 181 16.25 5.33 23.18
CA PHE A 181 17.26 6.37 23.13
C PHE A 181 16.80 7.63 23.85
N PRO A 182 16.83 7.57 25.19
CA PRO A 182 16.36 8.68 26.03
C PRO A 182 17.19 9.93 25.85
N ASP A 183 18.41 9.77 25.35
CA ASP A 183 19.33 10.89 25.22
C ASP A 183 19.46 11.52 23.81
N LYS A 184 18.85 10.90 22.80
CA LYS A 184 18.92 11.45 21.44
C LYS A 184 17.86 12.52 21.27
N LEU A 185 18.05 13.40 20.29
CA LEU A 185 17.09 14.43 19.97
C LEU A 185 16.00 13.93 19.04
N ILE A 186 14.75 14.03 19.44
CA ILE A 186 13.64 13.68 18.57
C ILE A 186 12.78 14.91 18.25
N LEU A 187 12.72 15.29 16.98
CA LEU A 187 11.87 16.40 16.58
C LEU A 187 10.75 15.87 15.69
N SER A 188 9.50 16.19 16.02
CA SER A 188 8.41 15.67 15.21
C SER A 188 8.20 16.58 14.02
N GLY A 189 7.74 16.00 12.92
CA GLY A 189 7.48 16.76 11.70
C GLY A 189 6.02 16.92 11.32
N PHE A 190 5.09 16.39 12.11
CA PHE A 190 3.66 16.44 11.81
C PHE A 190 2.90 17.46 12.70
N ASP A 191 2.58 18.62 12.14
CA ASP A 191 2.00 19.72 12.92
C ASP A 191 0.64 19.35 13.49
N GLU A 192 -0.11 18.56 12.74
CA GLU A 192 -1.49 18.27 13.11
C GLU A 192 -1.52 17.26 14.26
N MET A 193 -0.35 16.83 14.73
CA MET A 193 -0.30 15.92 15.87
C MET A 193 0.82 16.28 16.85
N LEU A 194 0.95 17.59 17.10
CA LEU A 194 1.90 18.15 18.04
C LEU A 194 1.64 17.66 19.44
N VAL A 195 0.39 17.81 19.88
CA VAL A 195 0.03 17.38 21.23
C VAL A 195 0.31 15.86 21.45
N GLN A 196 0.02 15.00 20.47
CA GLN A 196 0.35 13.58 20.64
C GLN A 196 1.88 13.36 20.65
N ALA A 197 2.60 14.10 19.82
CA ALA A 197 4.06 14.02 19.81
C ALA A 197 4.64 14.47 21.16
N THR A 198 4.18 15.63 21.63
CA THR A 198 4.62 16.21 22.89
C THR A 198 4.55 15.24 24.08
N ILE A 199 3.40 14.60 24.26
CA ILE A 199 3.23 13.75 25.42
C ILE A 199 4.00 12.46 25.23
N SER A 200 4.37 12.18 23.98
CA SER A 200 5.22 11.03 23.70
C SER A 200 6.72 11.35 23.89
N GLY A 201 6.99 12.55 24.36
CA GLY A 201 8.32 12.94 24.80
C GLY A 201 9.27 13.48 23.77
N VAL A 202 8.74 14.08 22.70
CA VAL A 202 9.63 14.70 21.71
C VAL A 202 10.28 15.92 22.32
N ASP A 203 11.45 16.28 21.82
CA ASP A 203 12.19 17.42 22.31
C ASP A 203 11.77 18.71 21.61
N GLY A 204 10.84 18.59 20.67
CA GLY A 204 10.40 19.72 19.89
C GLY A 204 9.85 19.28 18.55
N ALA A 205 9.71 20.23 17.63
CA ALA A 205 9.02 19.99 16.38
C ALA A 205 9.49 20.93 15.29
N ILE A 206 9.35 20.46 14.06
CA ILE A 206 9.74 21.18 12.85
C ILE A 206 8.52 21.21 11.97
N GLY A 207 8.05 22.39 11.59
CA GLY A 207 6.79 22.47 10.88
C GLY A 207 6.62 23.63 9.91
N SER A 208 5.96 23.37 8.79
CA SER A 208 5.73 24.42 7.81
C SER A 208 4.67 25.41 8.30
N THR A 209 3.66 24.92 9.01
CA THR A 209 2.56 25.80 9.39
C THR A 209 2.92 26.72 10.57
N TYR A 210 4.00 26.37 11.29
CA TYR A 210 4.50 27.20 12.40
C TYR A 210 4.95 28.57 11.89
N ASN A 211 5.19 28.69 10.57
CA ASN A 211 5.42 29.97 9.91
C ASN A 211 4.25 30.93 10.08
N VAL A 212 3.12 30.40 10.53
CA VAL A 212 1.86 31.09 10.47
C VAL A 212 1.07 30.89 11.78
N ASN A 213 1.43 29.85 12.51
CA ASN A 213 0.70 29.44 13.70
C ASN A 213 1.64 29.15 14.85
N GLY A 214 2.83 29.76 14.81
CA GLY A 214 3.90 29.42 15.73
C GLY A 214 3.59 29.63 17.20
N ARG A 215 2.77 30.63 17.50
CA ARG A 215 2.40 30.92 18.88
C ARG A 215 1.46 29.87 19.46
N ARG A 216 0.44 29.46 18.71
CA ARG A 216 -0.42 28.38 19.17
C ARG A 216 0.37 27.06 19.34
N ALA A 217 1.34 26.82 18.46
CA ALA A 217 2.13 25.60 18.57
C ALA A 217 2.94 25.58 19.87
N ARG A 218 3.48 26.74 20.23
CA ARG A 218 4.23 26.89 21.48
C ARG A 218 3.36 26.52 22.67
N LYS A 219 2.16 27.09 22.67
CA LYS A 219 1.23 26.85 23.76
C LYS A 219 0.85 25.39 23.86
N ILE A 220 0.54 24.74 22.73
CA ILE A 220 0.31 23.29 22.71
C ILE A 220 1.49 22.53 23.34
N PHE A 221 2.70 22.83 22.89
CA PHE A 221 3.91 22.13 23.36
C PHE A 221 4.11 22.37 24.86
N ASP A 222 3.83 23.60 25.29
CA ASP A 222 4.05 23.97 26.69
C ASP A 222 2.95 23.45 27.59
N LEU A 223 1.71 23.75 27.23
CA LEU A 223 0.57 23.32 28.04
C LEU A 223 0.54 21.80 28.28
N ALA A 224 0.91 21.04 27.28
CA ALA A 224 0.83 19.58 27.36
C ALA A 224 1.89 19.05 28.30
N ARG A 225 3.09 19.62 28.19
CA ARG A 225 4.19 19.21 29.05
C ARG A 225 3.93 19.59 30.51
N GLN A 226 3.26 20.72 30.76
CA GLN A 226 2.85 21.08 32.12
C GLN A 226 1.59 20.30 32.54
N GLY A 227 1.20 19.30 31.77
CA GLY A 227 0.03 18.50 32.10
C GLY A 227 -1.34 19.18 32.04
N GLN A 228 -1.40 20.38 31.46
CA GLN A 228 -2.69 21.00 31.19
C GLN A 228 -3.17 20.50 29.82
N ILE A 229 -3.29 19.19 29.72
CA ILE A 229 -3.48 18.51 28.46
C ILE A 229 -4.76 18.94 27.73
N GLN A 230 -5.79 19.24 28.48
CA GLN A 230 -7.09 19.51 27.86
C GLN A 230 -7.11 20.86 27.12
N GLU A 231 -6.46 21.88 27.67
CA GLU A 231 -6.36 23.15 26.95
C GLU A 231 -5.33 23.06 25.83
N ALA A 232 -4.35 22.19 25.96
CA ALA A 232 -3.42 21.96 24.86
C ALA A 232 -4.18 21.35 23.70
N TYR A 233 -5.09 20.43 24.01
CA TYR A 233 -5.81 19.69 22.97
C TYR A 233 -6.77 20.59 22.20
N GLN A 234 -7.42 21.52 22.91
CA GLN A 234 -8.36 22.44 22.28
C GLN A 234 -7.61 23.34 21.28
N LEU A 235 -6.38 23.71 21.64
CA LEU A 235 -5.52 24.48 20.73
C LEU A 235 -5.06 23.65 19.53
N GLN A 236 -4.95 22.34 19.73
CA GLN A 236 -4.71 21.46 18.60
C GLN A 236 -5.96 21.40 17.69
N HIS A 237 -7.16 21.35 18.27
CA HIS A 237 -8.42 21.48 17.50
C HIS A 237 -8.39 22.72 16.59
N ASP A 238 -7.93 23.84 17.16
CA ASP A 238 -7.85 25.09 16.42
C ASP A 238 -6.84 24.99 15.30
N SER A 239 -5.63 24.54 15.63
CA SER A 239 -4.54 24.43 14.65
C SER A 239 -4.89 23.45 13.52
N ASN A 240 -5.70 22.44 13.80
CA ASN A 240 -6.01 21.46 12.77
C ASN A 240 -7.05 22.01 11.78
N ASP A 241 -7.93 22.89 12.25
CA ASP A 241 -8.76 23.71 11.37
C ASP A 241 -7.87 24.43 10.37
N ILE A 242 -6.79 25.01 10.88
CA ILE A 242 -5.91 25.81 10.05
C ILE A 242 -5.16 24.93 9.08
N ILE A 243 -4.69 23.80 9.58
CA ILE A 243 -3.88 22.89 8.79
C ILE A 243 -4.71 22.17 7.75
N GLU A 244 -5.92 21.75 8.10
CA GLU A 244 -6.81 21.07 7.15
C GLU A 244 -7.22 22.00 6.02
N THR A 245 -7.52 23.26 6.36
CA THR A 245 -7.88 24.25 5.34
C THR A 245 -6.71 24.52 4.39
N VAL A 246 -5.54 24.60 4.96
CA VAL A 246 -4.37 24.98 4.20
C VAL A 246 -3.96 23.82 3.28
N LEU A 247 -4.17 22.59 3.74
CA LEU A 247 -3.84 21.43 2.91
C LEU A 247 -4.82 21.38 1.73
N SER A 248 -6.07 21.74 1.98
CA SER A 248 -7.08 21.66 0.94
C SER A 248 -6.85 22.69 -0.15
N MET A 249 -6.04 23.71 0.10
CA MET A 249 -5.81 24.75 -0.92
C MET A 249 -4.43 24.70 -1.58
N GLY A 250 -3.59 23.75 -1.17
CA GLY A 250 -2.21 23.69 -1.61
C GLY A 250 -1.36 24.37 -0.55
N ILE A 251 -0.67 23.57 0.27
CA ILE A 251 -0.21 24.06 1.56
C ILE A 251 0.85 25.17 1.41
N TYR A 252 1.85 24.99 0.56
CA TYR A 252 2.93 25.99 0.54
C TYR A 252 2.45 27.32 -0.05
N PRO A 253 1.78 27.29 -1.23
CA PRO A 253 1.27 28.56 -1.73
C PRO A 253 0.33 29.25 -0.74
N THR A 254 -0.54 28.48 -0.08
CA THR A 254 -1.55 29.06 0.81
C THR A 254 -0.89 29.61 2.09
N LEU A 255 0.10 28.92 2.62
CA LEU A 255 0.88 29.44 3.74
C LEU A 255 1.53 30.78 3.37
N LYS A 256 2.07 30.86 2.16
CA LYS A 256 2.73 32.08 1.75
C LYS A 256 1.72 33.18 1.43
N GLU A 257 0.49 32.81 1.06
CA GLU A 257 -0.54 33.82 0.86
C GLU A 257 -0.92 34.47 2.18
N ILE A 258 -0.88 33.67 3.24
CA ILE A 258 -1.23 34.14 4.56
C ILE A 258 -0.15 35.10 5.00
N LEU A 259 1.11 34.73 4.79
CA LEU A 259 2.22 35.65 5.02
C LEU A 259 2.07 36.96 4.24
N ARG A 260 1.68 36.87 2.95
CA ARG A 260 1.50 38.07 2.13
C ARG A 260 0.54 39.05 2.76
N HIS A 261 -0.53 38.53 3.37
CA HIS A 261 -1.50 39.34 4.08
C HIS A 261 -0.86 40.11 5.27
N ARG A 262 0.36 39.75 5.65
CA ARG A 262 1.09 40.52 6.65
C ARG A 262 2.13 41.46 6.04
N GLY A 263 2.02 41.78 4.76
CA GLY A 263 2.94 42.71 4.16
C GLY A 263 4.29 42.12 3.77
N ILE A 264 4.37 40.80 3.77
CA ILE A 264 5.57 40.08 3.32
C ILE A 264 5.49 39.80 1.80
N ASP A 265 6.58 40.03 1.08
CA ASP A 265 6.57 39.73 -0.37
C ASP A 265 6.81 38.24 -0.61
N ALA A 266 5.78 37.44 -0.40
CA ALA A 266 5.92 36.01 -0.40
C ALA A 266 5.98 35.46 -1.82
N GLY A 267 5.73 36.31 -2.80
CA GLY A 267 6.00 35.97 -4.19
C GLY A 267 5.24 34.75 -4.68
N LEU A 268 5.95 33.83 -5.33
CA LEU A 268 5.34 32.71 -6.07
C LEU A 268 5.96 31.36 -5.73
N PRO A 269 5.17 30.28 -5.84
CA PRO A 269 5.73 28.93 -5.74
C PRO A 269 6.64 28.64 -6.94
N LYS A 270 7.66 27.82 -6.77
CA LYS A 270 8.48 27.42 -7.91
C LYS A 270 7.72 26.39 -8.77
N ARG A 271 7.67 26.58 -10.09
CA ARG A 271 7.05 25.57 -10.95
C ARG A 271 7.83 24.25 -10.91
N PRO A 272 7.14 23.10 -11.01
CA PRO A 272 5.74 22.94 -11.46
C PRO A 272 4.67 23.17 -10.41
N PHE A 273 5.02 23.64 -9.20
CA PHE A 273 3.99 24.08 -8.25
C PHE A 273 3.16 25.22 -8.87
N LYS A 274 1.84 25.15 -8.71
CA LYS A 274 0.97 26.20 -9.19
C LYS A 274 0.67 27.22 -8.10
N PRO A 275 0.56 28.51 -8.49
CA PRO A 275 0.23 29.58 -7.55
C PRO A 275 -1.14 29.39 -6.91
N PHE A 276 -1.35 30.07 -5.80
CA PHE A 276 -2.61 30.02 -5.06
C PHE A 276 -3.78 30.31 -5.98
N ASN A 277 -4.86 29.54 -5.83
CA ASN A 277 -6.02 29.66 -6.70
C ASN A 277 -7.06 30.60 -6.12
N GLU A 278 -7.42 31.66 -6.86
CA GLU A 278 -8.23 32.74 -6.30
C GLU A 278 -9.65 32.33 -5.92
N ALA A 279 -10.13 31.21 -6.45
CA ALA A 279 -11.42 30.68 -6.05
C ALA A 279 -11.45 30.31 -4.55
N HIS A 280 -10.28 30.27 -3.94
CA HIS A 280 -10.14 29.94 -2.52
C HIS A 280 -10.00 31.19 -1.63
N ARG A 281 -9.89 32.37 -2.25
CA ARG A 281 -9.68 33.63 -1.53
C ARG A 281 -10.65 33.87 -0.37
N GLN A 282 -11.96 33.81 -0.63
CA GLN A 282 -12.93 34.08 0.42
C GLN A 282 -12.73 33.12 1.61
N THR A 283 -12.62 31.83 1.29
CA THR A 283 -12.49 30.81 2.33
C THR A 283 -11.22 31.09 3.14
N LEU A 284 -10.14 31.45 2.44
CA LEU A 284 -8.91 31.82 3.11
C LEU A 284 -9.08 33.07 4.00
N ASP A 285 -9.76 34.10 3.49
CA ASP A 285 -9.98 35.32 4.28
C ASP A 285 -10.74 35.00 5.57
N GLN A 286 -11.69 34.08 5.46
CA GLN A 286 -12.47 33.67 6.62
C GLN A 286 -11.58 33.02 7.67
N LEU A 287 -10.69 32.14 7.22
CA LEU A 287 -9.78 31.47 8.12
C LEU A 287 -8.89 32.49 8.84
N ILE A 288 -8.30 33.38 8.06
CA ILE A 288 -7.41 34.39 8.57
C ILE A 288 -8.12 35.22 9.65
N ALA A 289 -9.36 35.60 9.35
CA ALA A 289 -10.19 36.37 10.27
C ALA A 289 -10.56 35.55 11.49
N LYS A 290 -11.08 34.35 11.29
CA LYS A 290 -11.47 33.51 12.42
C LYS A 290 -10.32 33.24 13.39
N TYR A 291 -9.10 33.07 12.88
CA TYR A 291 -7.99 32.70 13.79
C TYR A 291 -6.93 33.76 13.91
N ASP A 292 -7.21 34.95 13.39
CA ASP A 292 -6.31 36.09 13.57
C ASP A 292 -4.92 35.77 13.03
N LEU A 293 -4.87 35.21 11.83
CA LEU A 293 -3.63 34.78 11.19
C LEU A 293 -2.94 35.95 10.47
N ASN B 2 -30.73 2.28 30.74
CA ASN B 2 -29.49 1.64 30.34
C ASN B 2 -28.32 2.63 30.44
N LYS B 3 -27.12 2.14 30.12
CA LYS B 3 -25.85 2.82 30.32
C LYS B 3 -25.56 3.94 29.30
N ASP B 4 -24.52 4.71 29.57
CA ASP B 4 -23.66 5.19 28.50
C ASP B 4 -22.43 4.31 28.68
N LEU B 5 -21.73 4.04 27.58
CA LEU B 5 -20.82 2.92 27.53
C LEU B 5 -19.35 3.29 27.71
N LYS B 6 -19.09 4.40 28.40
CA LYS B 6 -17.74 4.83 28.79
C LYS B 6 -16.98 3.72 29.49
N GLY B 7 -15.65 3.82 29.50
CA GLY B 7 -14.81 2.91 30.28
C GLY B 7 -13.89 1.98 29.50
N LEU B 8 -13.20 1.12 30.25
CA LEU B 8 -12.21 0.17 29.71
C LEU B 8 -12.73 -1.26 29.62
N TYR B 9 -12.73 -1.82 28.40
CA TYR B 9 -13.23 -3.17 28.13
C TYR B 9 -12.13 -4.15 27.77
N ALA B 10 -12.20 -5.38 28.28
CA ALA B 10 -11.33 -6.43 27.77
C ALA B 10 -11.94 -7.07 26.51
N ALA B 11 -11.17 -7.15 25.43
CA ALA B 11 -11.64 -7.91 24.28
C ALA B 11 -11.57 -9.37 24.68
N LEU B 12 -12.72 -9.95 24.97
CA LEU B 12 -12.78 -11.26 25.59
C LEU B 12 -12.12 -12.37 24.76
N LEU B 13 -11.11 -13.00 25.33
CA LEU B 13 -10.44 -14.16 24.71
C LEU B 13 -11.22 -15.44 25.01
N VAL B 14 -11.02 -16.46 24.18
CA VAL B 14 -11.83 -17.67 24.27
C VAL B 14 -10.97 -18.92 24.20
N PRO B 15 -11.11 -19.82 25.18
CA PRO B 15 -10.38 -21.09 25.24
C PRO B 15 -11.09 -22.22 24.49
N PHE B 16 -10.33 -23.02 23.72
CA PHE B 16 -10.89 -24.13 22.92
C PHE B 16 -10.28 -25.51 23.26
N ASP B 17 -11.01 -26.59 22.96
CA ASP B 17 -10.45 -27.94 23.11
C ASP B 17 -9.64 -28.30 21.86
N GLU B 18 -9.38 -29.60 21.65
CA GLU B 18 -8.57 -30.00 20.51
C GLU B 18 -9.32 -29.92 19.18
N ASN B 19 -10.64 -29.73 19.23
CA ASN B 19 -11.43 -29.73 17.99
C ASN B 19 -12.14 -28.41 17.70
N GLY B 20 -11.63 -27.33 18.26
CA GLY B 20 -12.19 -26.02 17.97
C GLY B 20 -13.55 -25.88 18.63
N GLN B 21 -13.69 -26.50 19.79
CA GLN B 21 -14.90 -26.36 20.56
C GLN B 21 -14.63 -25.52 21.77
N VAL B 22 -15.60 -24.70 22.16
CA VAL B 22 -15.47 -23.82 23.30
C VAL B 22 -15.33 -24.56 24.63
N ASN B 23 -14.26 -24.25 25.35
CA ASN B 23 -14.13 -24.65 26.73
C ASN B 23 -14.89 -23.66 27.62
N GLU B 24 -16.12 -23.99 28.00
CA GLU B 24 -16.94 -23.06 28.76
C GLU B 24 -16.37 -22.75 30.17
N GLN B 25 -15.88 -23.76 30.89
CA GLN B 25 -15.35 -23.47 32.22
C GLN B 25 -14.12 -22.55 32.13
N GLY B 26 -13.30 -22.74 31.10
CA GLY B 26 -12.22 -21.84 30.83
C GLY B 26 -12.72 -20.45 30.46
N LEU B 27 -13.76 -20.39 29.63
CA LEU B 27 -14.27 -19.10 29.16
C LEU B 27 -14.83 -18.26 30.31
N LYS B 28 -15.48 -18.92 31.26
CA LYS B 28 -16.04 -18.24 32.42
C LYS B 28 -14.88 -17.67 33.29
N GLN B 29 -13.84 -18.46 33.47
CA GLN B 29 -12.66 -18.01 34.19
C GLN B 29 -12.01 -16.78 33.56
N ILE B 30 -11.89 -16.77 32.24
CA ILE B 30 -11.32 -15.61 31.54
C ILE B 30 -12.17 -14.34 31.70
N ALA B 31 -13.49 -14.45 31.53
CA ALA B 31 -14.41 -13.31 31.75
C ALA B 31 -14.30 -12.78 33.18
N GLN B 32 -14.23 -13.70 34.14
CA GLN B 32 -14.14 -13.32 35.54
C GLN B 32 -12.78 -12.75 35.89
N ASN B 33 -11.72 -13.25 35.24
CA ASN B 33 -10.40 -12.62 35.38
C ASN B 33 -10.41 -11.17 34.91
N ALA B 34 -11.18 -10.86 33.86
CA ALA B 34 -11.18 -9.50 33.31
C ALA B 34 -11.87 -8.47 34.22
N ILE B 35 -12.81 -8.92 35.04
CA ILE B 35 -13.59 -7.98 35.86
C ILE B 35 -13.08 -7.93 37.30
N GLU B 36 -12.78 -9.09 37.84
CA GLU B 36 -12.43 -9.16 39.24
C GLU B 36 -10.94 -8.94 39.45
N THR B 37 -10.10 -9.61 38.67
CA THR B 37 -8.65 -9.48 38.79
C THR B 37 -8.10 -8.24 38.08
N GLU B 38 -8.53 -8.03 36.84
CA GLU B 38 -8.07 -6.90 36.03
C GLU B 38 -8.89 -5.61 36.22
N GLU B 39 -10.08 -5.75 36.81
CA GLU B 39 -10.90 -4.60 37.28
C GLU B 39 -11.41 -3.68 36.17
N LEU B 40 -11.74 -4.27 35.03
CA LEU B 40 -12.27 -3.54 33.89
C LEU B 40 -13.78 -3.25 34.04
N ASP B 41 -14.30 -2.39 33.17
CA ASP B 41 -15.69 -1.93 33.27
C ASP B 41 -16.66 -2.79 32.46
N GLY B 42 -16.11 -3.55 31.51
CA GLY B 42 -16.95 -4.34 30.65
C GLY B 42 -16.22 -5.36 29.83
N LEU B 43 -16.99 -6.15 29.09
CA LEU B 43 -16.41 -7.10 28.15
C LEU B 43 -16.91 -6.76 26.76
N TYR B 44 -16.00 -6.85 25.80
CA TYR B 44 -16.33 -6.72 24.41
C TYR B 44 -16.28 -8.14 23.85
N VAL B 45 -17.46 -8.75 23.69
CA VAL B 45 -17.54 -10.16 23.39
C VAL B 45 -17.64 -10.45 21.89
N ASN B 46 -16.99 -11.54 21.46
CA ASN B 46 -17.02 -12.03 20.08
C ASN B 46 -16.43 -11.09 19.06
N GLY B 47 -15.35 -10.41 19.45
CA GLY B 47 -14.60 -9.58 18.53
C GLY B 47 -13.50 -10.40 17.91
N SER B 48 -12.64 -9.75 17.13
CA SER B 48 -11.41 -10.33 16.57
C SER B 48 -10.65 -11.18 17.60
N SER B 49 -10.43 -10.56 18.74
CA SER B 49 -9.64 -11.10 19.82
C SER B 49 -10.20 -12.42 20.38
N GLY B 50 -11.50 -12.63 20.20
CA GLY B 50 -12.14 -13.84 20.64
C GLY B 50 -12.16 -14.91 19.56
N GLU B 51 -11.39 -14.69 18.50
CA GLU B 51 -11.33 -15.64 17.39
C GLU B 51 -12.74 -15.89 16.82
N ASN B 52 -13.61 -14.90 17.00
CA ASN B 52 -14.98 -14.92 16.50
C ASN B 52 -15.19 -15.39 15.06
N PHE B 53 -14.38 -14.89 14.12
CA PHE B 53 -14.65 -15.13 12.69
C PHE B 53 -14.26 -16.53 12.25
N LEU B 54 -13.75 -17.30 13.20
CA LEU B 54 -13.45 -18.71 13.00
C LEU B 54 -14.61 -19.59 13.46
N LEU B 55 -15.62 -18.99 14.09
CA LEU B 55 -16.69 -19.76 14.72
C LEU B 55 -17.92 -19.95 13.81
N ASN B 56 -18.75 -20.91 14.19
CA ASN B 56 -20.08 -21.05 13.60
C ASN B 56 -21.09 -20.37 14.53
N THR B 57 -22.30 -20.14 14.02
CA THR B 57 -23.26 -19.28 14.70
C THR B 57 -23.53 -19.68 16.16
N GLU B 58 -23.68 -20.98 16.39
CA GLU B 58 -24.08 -21.50 17.71
C GLU B 58 -22.96 -21.36 18.74
N GLN B 59 -21.72 -21.45 18.26
CA GLN B 59 -20.57 -21.15 19.09
C GLN B 59 -20.59 -19.68 19.49
N LYS B 60 -20.94 -18.81 18.55
CA LYS B 60 -21.03 -17.39 18.86
C LYS B 60 -22.09 -17.16 19.93
N LYS B 61 -23.28 -17.72 19.72
CA LYS B 61 -24.32 -17.65 20.75
C LYS B 61 -23.83 -18.21 22.08
N GLN B 62 -23.13 -19.33 22.02
CA GLN B 62 -22.62 -19.99 23.21
C GLN B 62 -21.69 -19.08 24.04
N VAL B 63 -20.78 -18.40 23.34
CA VAL B 63 -19.86 -17.47 23.97
C VAL B 63 -20.63 -16.29 24.56
N PHE B 64 -21.57 -15.76 23.78
CA PHE B 64 -22.45 -14.70 24.24
C PHE B 64 -23.15 -15.06 25.56
N LYS B 65 -23.59 -16.31 25.64
CA LYS B 65 -24.22 -16.88 26.83
C LYS B 65 -23.27 -16.94 28.05
N VAL B 66 -22.16 -17.66 27.91
CA VAL B 66 -21.26 -17.90 29.04
C VAL B 66 -20.67 -16.62 29.63
N ALA B 67 -20.35 -15.67 28.76
CA ALA B 67 -19.84 -14.36 29.18
C ALA B 67 -20.82 -13.57 30.05
N LYS B 68 -22.05 -13.43 29.57
CA LYS B 68 -23.09 -12.69 30.30
C LYS B 68 -23.38 -13.31 31.67
N GLU B 69 -23.43 -14.64 31.72
CA GLU B 69 -23.64 -15.33 32.99
C GLU B 69 -22.48 -15.14 33.97
N ALA B 70 -21.27 -15.00 33.45
CA ALA B 70 -20.08 -14.95 34.30
C ALA B 70 -19.91 -13.64 35.09
N VAL B 71 -20.72 -12.64 34.80
CA VAL B 71 -20.49 -11.31 35.38
C VAL B 71 -21.76 -10.68 35.94
N GLY B 72 -21.58 -9.69 36.81
CA GLY B 72 -22.69 -8.97 37.42
C GLY B 72 -23.39 -8.02 36.47
N ASP B 73 -24.52 -7.47 36.93
CA ASP B 73 -25.35 -6.60 36.11
C ASP B 73 -24.73 -5.21 35.91
N LYS B 74 -23.81 -4.83 36.79
CA LYS B 74 -23.12 -3.55 36.67
C LYS B 74 -22.12 -3.57 35.50
N VAL B 75 -21.57 -4.76 35.23
CA VAL B 75 -20.60 -4.96 34.15
C VAL B 75 -21.22 -4.58 32.80
N LYS B 76 -20.60 -3.64 32.09
CA LYS B 76 -21.11 -3.22 30.79
C LYS B 76 -20.76 -4.30 29.78
N LEU B 77 -21.63 -4.51 28.80
CA LEU B 77 -21.37 -5.56 27.82
C LEU B 77 -21.69 -5.07 26.43
N ILE B 78 -20.73 -5.24 25.53
CA ILE B 78 -20.96 -4.95 24.13
C ILE B 78 -20.82 -6.25 23.38
N ALA B 79 -21.71 -6.45 22.42
CA ALA B 79 -21.72 -7.67 21.62
C ALA B 79 -21.47 -7.37 20.17
N GLN B 80 -20.30 -7.82 19.74
CA GLN B 80 -19.91 -7.87 18.33
C GLN B 80 -20.72 -8.94 17.58
N VAL B 81 -21.53 -8.54 16.62
CA VAL B 81 -22.37 -9.48 15.87
C VAL B 81 -22.11 -9.43 14.38
N GLY B 82 -21.19 -8.57 13.97
CA GLY B 82 -20.90 -8.34 12.57
C GLY B 82 -20.42 -9.58 11.88
N SER B 83 -20.93 -9.78 10.67
CA SER B 83 -20.65 -10.97 9.90
C SER B 83 -20.93 -10.69 8.45
N LEU B 84 -20.22 -11.37 7.55
CA LEU B 84 -20.49 -11.23 6.12
C LEU B 84 -21.90 -11.73 5.77
N ASP B 85 -22.43 -12.59 6.64
CA ASP B 85 -23.78 -13.11 6.52
C ASP B 85 -24.72 -12.16 7.28
N LEU B 86 -25.37 -11.25 6.57
CA LEU B 86 -26.23 -10.25 7.21
C LEU B 86 -27.32 -10.88 8.03
N ASN B 87 -27.91 -11.95 7.50
CA ASN B 87 -28.93 -12.70 8.22
C ASN B 87 -28.42 -13.22 9.55
N GLU B 88 -27.19 -13.73 9.54
CA GLU B 88 -26.53 -14.15 10.77
C GLU B 88 -26.36 -12.97 11.74
N ALA B 89 -25.94 -11.83 11.21
CA ALA B 89 -25.69 -10.67 12.04
C ALA B 89 -26.98 -10.30 12.76
N ILE B 90 -28.05 -10.20 11.99
CA ILE B 90 -29.37 -9.90 12.55
C ILE B 90 -29.74 -10.92 13.63
N GLU B 91 -29.52 -12.21 13.35
CA GLU B 91 -29.89 -13.28 14.28
C GLU B 91 -29.08 -13.20 15.60
N LEU B 92 -27.78 -12.98 15.48
CA LEU B 92 -26.92 -12.82 16.65
C LEU B 92 -27.23 -11.50 17.37
N GLY B 93 -27.51 -10.47 16.58
CA GLY B 93 -27.98 -9.20 17.11
C GLY B 93 -29.22 -9.38 17.95
N LYS B 94 -30.20 -10.11 17.43
CA LYS B 94 -31.43 -10.39 18.16
C LYS B 94 -31.14 -11.20 19.42
N TYR B 95 -30.38 -12.27 19.26
CA TYR B 95 -30.07 -13.16 20.38
C TYR B 95 -29.32 -12.42 21.50
N ALA B 96 -28.42 -11.53 21.12
CA ALA B 96 -27.59 -10.80 22.07
C ALA B 96 -28.41 -9.73 22.79
N THR B 97 -29.21 -9.03 22.02
CA THR B 97 -30.04 -7.97 22.58
C THR B 97 -30.90 -8.54 23.69
N GLU B 98 -31.49 -9.70 23.44
CA GLU B 98 -32.44 -10.23 24.40
C GLU B 98 -31.77 -10.97 25.54
N LEU B 99 -30.44 -11.07 25.50
CA LEU B 99 -29.68 -11.56 26.64
C LEU B 99 -29.36 -10.42 27.61
N GLY B 100 -29.66 -9.19 27.20
CA GLY B 100 -29.41 -8.02 28.03
C GLY B 100 -28.12 -7.27 27.72
N TYR B 101 -27.51 -7.53 26.56
CA TYR B 101 -26.30 -6.80 26.12
C TYR B 101 -26.57 -5.32 25.83
N ASP B 102 -25.78 -4.45 26.47
CA ASP B 102 -26.01 -3.01 26.45
C ASP B 102 -25.94 -2.33 25.07
N ALA B 103 -25.15 -2.91 24.17
CA ALA B 103 -25.07 -2.43 22.80
C ALA B 103 -24.56 -3.51 21.85
N LEU B 104 -24.87 -3.33 20.57
CA LEU B 104 -24.28 -4.16 19.54
C LEU B 104 -23.11 -3.42 18.89
N SER B 105 -22.15 -4.15 18.34
CA SER B 105 -21.26 -3.53 17.36
C SER B 105 -21.01 -4.52 16.22
N ALA B 106 -20.53 -4.03 15.08
CA ALA B 106 -20.43 -4.88 13.90
C ALA B 106 -19.31 -4.44 13.00
N VAL B 107 -18.44 -5.38 12.68
CA VAL B 107 -17.32 -5.13 11.80
C VAL B 107 -17.84 -4.66 10.44
N THR B 108 -17.10 -3.77 9.82
CA THR B 108 -17.41 -3.35 8.47
C THR B 108 -17.28 -4.57 7.54
N PRO B 109 -18.28 -4.75 6.64
CA PRO B 109 -18.25 -5.81 5.64
C PRO B 109 -16.92 -5.83 4.90
N PHE B 110 -16.19 -6.93 5.02
CA PHE B 110 -14.86 -7.02 4.46
C PHE B 110 -14.87 -8.00 3.28
N TYR B 111 -13.67 -8.36 2.82
CA TYR B 111 -13.44 -9.27 1.70
C TYR B 111 -13.86 -8.63 0.37
N TYR B 112 -15.16 -8.49 0.12
CA TYR B 112 -15.60 -7.82 -1.10
C TYR B 112 -15.40 -6.33 -0.98
N PRO B 113 -15.22 -5.63 -2.11
CA PRO B 113 -15.11 -4.17 -2.08
C PRO B 113 -16.48 -3.51 -2.00
N PHE B 114 -17.19 -3.66 -0.90
CA PHE B 114 -18.52 -3.05 -0.78
C PHE B 114 -18.44 -1.54 -0.89
N THR B 115 -19.46 -0.91 -1.47
CA THR B 115 -19.51 0.55 -1.54
C THR B 115 -20.01 1.11 -0.20
N PHE B 116 -19.80 2.41 0.02
CA PHE B 116 -20.19 3.00 1.29
C PHE B 116 -21.68 2.82 1.54
N GLU B 117 -22.44 2.93 0.46
CA GLU B 117 -23.88 2.82 0.52
C GLU B 117 -24.27 1.43 1.05
N GLU B 118 -23.64 0.38 0.51
CA GLU B 118 -23.91 -0.98 0.99
C GLU B 118 -23.45 -1.18 2.43
N ILE B 119 -22.30 -0.58 2.76
CA ILE B 119 -21.80 -0.65 4.13
C ILE B 119 -22.77 0.02 5.07
N ARG B 120 -23.30 1.16 4.63
CA ARG B 120 -24.24 1.93 5.44
C ARG B 120 -25.55 1.19 5.69
N ASP B 121 -26.13 0.60 4.64
CA ASP B 121 -27.43 -0.01 4.81
C ASP B 121 -27.32 -1.38 5.46
N TYR B 122 -26.10 -1.88 5.53
CA TYR B 122 -25.75 -3.02 6.36
C TYR B 122 -25.98 -2.69 7.84
N TYR B 123 -25.41 -1.59 8.31
CA TYR B 123 -25.63 -1.20 9.69
C TYR B 123 -27.10 -0.89 9.96
N PHE B 124 -27.72 -0.12 9.07
CA PHE B 124 -29.13 0.26 9.25
C PHE B 124 -30.05 -0.97 9.31
N ASP B 125 -29.76 -2.00 8.52
CA ASP B 125 -30.60 -3.19 8.52
C ASP B 125 -30.49 -3.92 9.85
N ILE B 126 -29.29 -3.95 10.41
CA ILE B 126 -29.07 -4.60 11.68
C ILE B 126 -29.78 -3.88 12.82
N ILE B 127 -29.65 -2.56 12.85
CA ILE B 127 -30.34 -1.76 13.84
C ILE B 127 -31.86 -1.95 13.73
N GLU B 128 -32.36 -1.96 12.51
CA GLU B 128 -33.80 -2.04 12.28
C GLU B 128 -34.41 -3.33 12.84
N ALA B 129 -33.74 -4.45 12.64
CA ALA B 129 -34.25 -5.75 13.07
C ALA B 129 -34.03 -6.00 14.55
N THR B 130 -33.08 -5.30 15.15
CA THR B 130 -32.71 -5.54 16.56
C THR B 130 -33.17 -4.44 17.53
N GLN B 131 -33.29 -3.22 17.01
CA GLN B 131 -33.61 -2.02 17.78
C GLN B 131 -32.69 -1.85 18.99
N ASN B 132 -31.44 -2.24 18.83
CA ASN B 132 -30.44 -1.97 19.85
C ASN B 132 -29.47 -0.88 19.37
N ASN B 133 -28.73 -0.29 20.31
CA ASN B 133 -27.72 0.69 19.99
C ASN B 133 -26.55 0.04 19.24
N MET B 134 -26.05 0.70 18.21
CA MET B 134 -24.98 0.14 17.39
C MET B 134 -23.68 0.94 17.49
N ILE B 135 -22.56 0.22 17.62
CA ILE B 135 -21.24 0.86 17.54
C ILE B 135 -20.49 0.35 16.29
N ILE B 136 -20.08 1.26 15.41
CA ILE B 136 -19.45 0.90 14.16
C ILE B 136 -17.92 0.76 14.28
N TYR B 137 -17.28 0.30 13.21
CA TYR B 137 -15.81 0.23 13.11
C TYR B 137 -15.20 1.39 12.31
N ALA B 138 -13.87 1.46 12.32
CA ALA B 138 -13.11 2.43 11.53
C ALA B 138 -11.63 2.12 11.66
N ILE B 147 -13.17 5.22 6.05
CA ILE B 147 -14.33 6.08 6.27
C ILE B 147 -13.97 7.57 6.42
N SER B 148 -14.63 8.43 5.64
CA SER B 148 -14.37 9.88 5.71
C SER B 148 -15.19 10.55 6.81
N ILE B 149 -14.77 11.74 7.22
CA ILE B 149 -15.55 12.54 8.17
C ILE B 149 -16.98 12.74 7.65
N GLU B 150 -17.08 13.03 6.35
CA GLU B 150 -18.36 13.27 5.70
C GLU B 150 -19.24 12.01 5.69
N GLN B 151 -18.61 10.84 5.64
CA GLN B 151 -19.34 9.58 5.73
C GLN B 151 -19.74 9.19 7.16
N PHE B 152 -18.84 9.38 8.13
CA PHE B 152 -19.19 9.29 9.55
C PHE B 152 -20.41 10.17 9.85
N SER B 153 -20.35 11.39 9.32
CA SER B 153 -21.41 12.39 9.45
C SER B 153 -22.80 11.82 9.14
N GLU B 154 -22.89 11.09 8.04
CA GLU B 154 -24.11 10.39 7.65
C GLU B 154 -24.44 9.19 8.54
N LEU B 155 -23.43 8.41 8.93
CA LEU B 155 -23.67 7.28 9.83
C LEU B 155 -24.18 7.75 11.18
N PHE B 156 -23.48 8.72 11.76
CA PHE B 156 -23.83 9.23 13.08
C PHE B 156 -25.13 10.07 13.04
N ASN B 157 -25.65 10.32 11.85
CA ASN B 157 -26.96 10.94 11.75
C ASN B 157 -28.06 9.98 12.22
N HIS B 158 -27.75 8.69 12.26
CA HIS B 158 -28.66 7.68 12.81
C HIS B 158 -28.61 7.72 14.32
N GLU B 159 -29.76 7.94 14.96
CA GLU B 159 -29.84 8.14 16.40
C GLU B 159 -29.41 6.91 17.19
N LYS B 160 -29.51 5.75 16.54
CA LYS B 160 -29.11 4.48 17.16
C LYS B 160 -27.64 4.08 16.93
N ILE B 161 -26.91 4.82 16.09
CA ILE B 161 -25.48 4.57 15.97
C ILE B 161 -24.79 5.50 16.97
N VAL B 162 -24.48 4.96 18.14
CA VAL B 162 -24.09 5.76 19.29
C VAL B 162 -22.60 6.08 19.25
N GLY B 163 -21.83 5.34 18.46
CA GLY B 163 -20.42 5.59 18.38
C GLY B 163 -19.58 4.65 17.53
N VAL B 164 -18.28 4.73 17.74
CA VAL B 164 -17.31 4.04 16.89
C VAL B 164 -16.21 3.39 17.72
N LYS B 165 -15.84 2.16 17.37
CA LYS B 165 -14.61 1.54 17.83
C LYS B 165 -13.51 1.91 16.83
N TYR B 166 -12.66 2.85 17.23
CA TYR B 166 -11.68 3.45 16.35
C TYR B 166 -10.36 2.65 16.43
N THR B 167 -10.00 1.99 15.34
CA THR B 167 -8.84 1.10 15.31
C THR B 167 -7.72 1.56 14.36
N ALA B 168 -7.99 2.61 13.57
CA ALA B 168 -7.03 3.14 12.62
C ALA B 168 -6.04 4.07 13.32
N PRO B 169 -4.74 3.79 13.22
CA PRO B 169 -3.77 4.59 13.95
C PRO B 169 -3.50 5.92 13.25
N ASN B 170 -4.55 6.74 13.18
CA ASN B 170 -4.49 8.03 12.51
C ASN B 170 -4.98 9.11 13.47
N PHE B 171 -4.07 9.86 14.07
CA PHE B 171 -4.49 10.76 15.13
C PHE B 171 -4.95 12.12 14.62
N PHE B 172 -4.74 12.36 13.34
CA PHE B 172 -5.36 13.51 12.68
C PHE B 172 -6.85 13.21 12.49
N LEU B 173 -7.14 12.05 11.92
CA LEU B 173 -8.52 11.64 11.73
C LEU B 173 -9.25 11.51 13.06
N LEU B 174 -8.59 10.95 14.08
CA LEU B 174 -9.20 10.82 15.40
C LEU B 174 -9.63 12.17 15.96
N GLU B 175 -8.75 13.16 15.84
CA GLU B 175 -9.02 14.51 16.33
C GLU B 175 -10.18 15.16 15.57
N ARG B 176 -10.21 15.00 14.25
CA ARG B 176 -11.30 15.55 13.44
C ARG B 176 -12.61 14.89 13.84
N ILE B 177 -12.60 13.58 14.03
CA ILE B 177 -13.77 12.87 14.53
C ILE B 177 -14.18 13.34 15.93
N ARG B 178 -13.24 13.41 16.87
CA ARG B 178 -13.55 13.93 18.22
C ARG B 178 -14.15 15.34 18.16
N LYS B 179 -13.60 16.23 17.34
CA LYS B 179 -14.14 17.58 17.26
C LYS B 179 -15.55 17.63 16.62
N ALA B 180 -15.77 16.89 15.55
CA ALA B 180 -17.04 16.98 14.83
C ALA B 180 -18.21 16.30 15.53
N PHE B 181 -17.92 15.28 16.33
CA PHE B 181 -18.98 14.51 16.95
C PHE B 181 -18.78 14.42 18.45
N PRO B 182 -18.98 15.55 19.15
CA PRO B 182 -18.60 15.66 20.57
C PRO B 182 -19.45 14.81 21.48
N ASP B 183 -20.70 14.55 21.09
CA ASP B 183 -21.61 13.76 21.93
C ASP B 183 -21.75 12.33 21.46
N LYS B 184 -20.73 11.84 20.76
CA LYS B 184 -20.73 10.45 20.30
C LYS B 184 -19.63 9.68 21.03
N LEU B 185 -19.88 8.40 21.25
CA LEU B 185 -18.94 7.50 21.90
C LEU B 185 -17.79 7.11 20.97
N ILE B 186 -16.55 7.36 21.41
CA ILE B 186 -15.37 6.87 20.70
C ILE B 186 -14.53 5.97 21.62
N LEU B 187 -14.45 4.69 21.29
CA LEU B 187 -13.59 3.79 22.03
C LEU B 187 -12.38 3.43 21.18
N SER B 188 -11.17 3.57 21.70
CA SER B 188 -9.99 3.24 20.88
C SER B 188 -9.62 1.75 20.96
N GLY B 189 -9.09 1.23 19.86
CA GLY B 189 -8.78 -0.20 19.75
C GLY B 189 -7.31 -0.58 19.80
N PHE B 190 -6.43 0.41 19.89
CA PHE B 190 -4.99 0.14 19.88
C PHE B 190 -4.33 0.30 21.26
N ASP B 191 -4.03 -0.83 21.89
CA ASP B 191 -3.45 -0.86 23.24
C ASP B 191 -2.14 -0.07 23.36
N GLU B 192 -1.28 -0.19 22.35
CA GLU B 192 0.06 0.37 22.43
C GLU B 192 0.08 1.89 22.25
N MET B 193 -1.07 2.48 21.94
CA MET B 193 -1.15 3.93 21.88
C MET B 193 -2.34 4.45 22.71
N LEU B 194 -2.50 3.88 23.89
CA LEU B 194 -3.61 4.24 24.76
C LEU B 194 -3.50 5.66 25.29
N VAL B 195 -2.30 6.06 25.68
CA VAL B 195 -2.12 7.36 26.28
C VAL B 195 -2.31 8.46 25.24
N GLN B 196 -2.04 8.13 23.97
CA GLN B 196 -2.25 9.10 22.87
C GLN B 196 -3.74 9.21 22.55
N ALA B 197 -4.43 8.08 22.58
CA ALA B 197 -5.86 8.08 22.40
C ALA B 197 -6.53 8.85 23.55
N THR B 198 -6.03 8.63 24.76
CA THR B 198 -6.67 9.19 25.95
C THR B 198 -6.69 10.71 25.94
N ILE B 199 -5.58 11.32 25.56
CA ILE B 199 -5.50 12.77 25.53
C ILE B 199 -6.12 13.31 24.23
N SER B 200 -6.41 12.42 23.28
CA SER B 200 -7.07 12.81 22.03
C SER B 200 -8.57 12.76 22.24
N GLY B 201 -8.94 12.42 23.47
CA GLY B 201 -10.29 12.61 23.96
C GLY B 201 -11.22 11.40 23.87
N VAL B 202 -10.68 10.20 23.67
CA VAL B 202 -11.52 9.00 23.63
C VAL B 202 -12.22 8.75 24.99
N ASP B 203 -13.41 8.14 24.92
CA ASP B 203 -14.23 7.87 26.09
C ASP B 203 -13.93 6.52 26.76
N GLY B 204 -12.95 5.79 26.24
CA GLY B 204 -12.63 4.48 26.74
C GLY B 204 -11.82 3.70 25.71
N ALA B 205 -11.63 2.40 25.97
CA ALA B 205 -10.80 1.56 25.10
C ALA B 205 -11.24 0.11 25.19
N ILE B 206 -11.00 -0.61 24.11
CA ILE B 206 -11.24 -2.03 24.00
C ILE B 206 -9.90 -2.70 23.68
N GLY B 207 -9.55 -3.77 24.37
CA GLY B 207 -8.19 -4.29 24.24
C GLY B 207 -7.97 -5.74 24.61
N SER B 208 -7.23 -6.45 23.77
CA SER B 208 -6.94 -7.85 24.04
C SER B 208 -5.99 -7.97 25.22
N THR B 209 -4.98 -7.09 25.29
CA THR B 209 -3.97 -7.18 26.34
C THR B 209 -4.44 -6.71 27.72
N TYR B 210 -5.62 -6.10 27.79
CA TYR B 210 -6.15 -5.67 29.10
C TYR B 210 -6.59 -6.89 29.90
N ASN B 211 -6.75 -8.02 29.23
CA ASN B 211 -7.01 -9.29 29.90
C ASN B 211 -5.88 -9.64 30.84
N VAL B 212 -4.73 -9.03 30.61
CA VAL B 212 -3.50 -9.39 31.31
C VAL B 212 -2.92 -8.16 31.99
N ASN B 213 -3.28 -6.98 31.49
CA ASN B 213 -2.58 -5.76 31.85
C ASN B 213 -3.57 -4.65 32.10
N GLY B 214 -4.78 -5.02 32.51
CA GLY B 214 -5.86 -4.05 32.65
C GLY B 214 -5.67 -3.05 33.78
N ARG B 215 -4.95 -3.43 34.82
CA ARG B 215 -4.68 -2.51 35.92
C ARG B 215 -3.70 -1.39 35.54
N ARG B 216 -2.70 -1.71 34.71
CA ARG B 216 -1.82 -0.66 34.19
C ARG B 216 -2.56 0.26 33.19
N ALA B 217 -3.51 -0.31 32.46
CA ALA B 217 -4.21 0.43 31.42
C ALA B 217 -5.11 1.49 32.04
N ARG B 218 -5.64 1.20 33.23
CA ARG B 218 -6.52 2.16 33.88
C ARG B 218 -5.71 3.33 34.42
N LYS B 219 -4.50 3.05 34.90
CA LYS B 219 -3.65 4.12 35.39
C LYS B 219 -3.27 5.06 34.26
N ILE B 220 -2.95 4.49 33.09
CA ILE B 220 -2.64 5.28 31.91
C ILE B 220 -3.82 6.17 31.56
N PHE B 221 -4.98 5.54 31.49
CA PHE B 221 -6.19 6.27 31.19
C PHE B 221 -6.51 7.32 32.25
N ASP B 222 -6.15 7.05 33.49
CA ASP B 222 -6.53 7.98 34.54
C ASP B 222 -5.49 9.06 34.67
N LEU B 223 -4.24 8.66 34.86
CA LEU B 223 -3.15 9.61 35.00
C LEU B 223 -3.16 10.64 33.86
N ALA B 224 -3.44 10.19 32.63
CA ALA B 224 -3.36 11.05 31.44
C ALA B 224 -4.47 12.09 31.44
N ARG B 225 -5.64 11.72 31.94
CA ARG B 225 -6.70 12.70 32.14
C ARG B 225 -6.52 13.50 33.43
N GLN B 226 -5.84 12.94 34.42
CA GLN B 226 -5.69 13.62 35.71
C GLN B 226 -4.44 14.51 35.75
N GLY B 227 -3.96 14.89 34.57
CA GLY B 227 -2.79 15.76 34.45
C GLY B 227 -1.44 15.05 34.39
N GLN B 228 -1.30 13.97 35.15
CA GLN B 228 0.00 13.32 35.31
C GLN B 228 0.47 12.55 34.07
N ILE B 229 0.64 13.28 32.99
CA ILE B 229 0.95 12.69 31.70
C ILE B 229 2.28 11.94 31.71
N GLN B 230 3.25 12.44 32.46
CA GLN B 230 4.60 11.87 32.44
C GLN B 230 4.60 10.47 33.01
N GLU B 231 3.87 10.30 34.09
CA GLU B 231 3.81 9.00 34.72
C GLU B 231 2.96 8.06 33.85
N ALA B 232 1.92 8.62 33.22
CA ALA B 232 1.06 7.82 32.35
C ALA B 232 1.88 7.24 31.20
N TYR B 233 2.69 8.10 30.59
CA TYR B 233 3.61 7.69 29.54
C TYR B 233 4.55 6.60 29.99
N GLN B 234 5.14 6.79 31.17
CA GLN B 234 6.05 5.82 31.72
C GLN B 234 5.35 4.48 31.84
N LEU B 235 4.08 4.47 32.20
CA LEU B 235 3.34 3.21 32.25
C LEU B 235 3.00 2.65 30.85
N GLN B 236 2.87 3.54 29.86
CA GLN B 236 2.72 3.12 28.47
C GLN B 236 4.00 2.47 27.98
N HIS B 237 5.15 2.99 28.45
CA HIS B 237 6.44 2.37 28.16
C HIS B 237 6.45 0.91 28.57
N ASP B 238 6.06 0.68 29.82
CA ASP B 238 6.05 -0.66 30.35
C ASP B 238 5.01 -1.53 29.62
N SER B 239 3.82 -1.01 29.36
CA SER B 239 2.83 -1.81 28.64
C SER B 239 3.27 -2.17 27.22
N ASN B 240 4.00 -1.27 26.56
CA ASN B 240 4.44 -1.54 25.20
C ASN B 240 5.57 -2.58 25.17
N ASP B 241 6.26 -2.75 26.30
CA ASP B 241 7.19 -3.86 26.45
C ASP B 241 6.40 -5.15 26.40
N ILE B 242 5.33 -5.21 27.18
CA ILE B 242 4.42 -6.35 27.18
C ILE B 242 3.80 -6.61 25.80
N ILE B 243 3.23 -5.57 25.19
CA ILE B 243 2.52 -5.70 23.93
C ILE B 243 3.44 -6.15 22.79
N GLU B 244 4.62 -5.54 22.69
CA GLU B 244 5.57 -5.89 21.65
C GLU B 244 6.05 -7.33 21.79
N THR B 245 6.22 -7.79 23.02
CA THR B 245 6.60 -9.18 23.30
C THR B 245 5.51 -10.16 22.92
N VAL B 246 4.32 -9.90 23.41
CA VAL B 246 3.14 -10.70 23.11
C VAL B 246 2.92 -10.78 21.58
N LEU B 247 2.90 -9.63 20.89
CA LEU B 247 2.78 -9.59 19.43
C LEU B 247 3.84 -10.45 18.74
N SER B 248 5.02 -10.54 19.35
CA SER B 248 6.11 -11.24 18.72
C SER B 248 5.97 -12.76 18.85
N MET B 249 5.12 -13.25 19.75
CA MET B 249 5.00 -14.69 19.93
C MET B 249 3.68 -15.23 19.38
N GLY B 250 2.81 -14.35 18.90
CA GLY B 250 1.47 -14.74 18.52
C GLY B 250 0.51 -14.31 19.61
N ILE B 251 -0.17 -13.19 19.38
CA ILE B 251 -0.77 -12.43 20.48
C ILE B 251 -1.83 -13.19 21.28
N TYR B 252 -2.82 -13.78 20.61
CA TYR B 252 -3.90 -14.45 21.34
C TYR B 252 -3.41 -15.69 22.12
N PRO B 253 -2.74 -16.64 21.46
CA PRO B 253 -2.29 -17.79 22.26
C PRO B 253 -1.40 -17.38 23.44
N THR B 254 -0.49 -16.44 23.23
CA THR B 254 0.41 -15.99 24.29
C THR B 254 -0.32 -15.32 25.47
N LEU B 255 -1.30 -14.49 25.17
CA LEU B 255 -2.14 -13.90 26.21
C LEU B 255 -2.79 -15.01 27.03
N LYS B 256 -3.31 -16.02 26.35
CA LYS B 256 -3.95 -17.14 27.03
C LYS B 256 -2.91 -17.98 27.79
N GLU B 257 -1.70 -18.08 27.26
CA GLU B 257 -0.59 -18.66 28.01
C GLU B 257 -0.28 -17.89 29.29
N ILE B 258 -0.43 -16.58 29.26
CA ILE B 258 -0.18 -15.78 30.45
C ILE B 258 -1.29 -16.03 31.45
N LEU B 259 -2.54 -16.07 30.98
CA LEU B 259 -3.68 -16.40 31.85
C LEU B 259 -3.61 -17.82 32.43
N ARG B 260 -3.04 -18.78 31.69
CA ARG B 260 -2.89 -20.14 32.22
C ARG B 260 -2.00 -20.16 33.46
N HIS B 261 -0.99 -19.30 33.44
CA HIS B 261 -0.05 -19.16 34.55
C HIS B 261 -0.76 -18.74 35.84
N ARG B 262 -1.93 -18.11 35.72
CA ARG B 262 -2.76 -17.76 36.87
C ARG B 262 -3.71 -18.87 37.30
N GLY B 263 -3.47 -20.10 36.86
CA GLY B 263 -4.37 -21.20 37.16
C GLY B 263 -5.70 -21.18 36.39
N ILE B 264 -5.72 -20.56 35.22
CA ILE B 264 -6.91 -20.50 34.39
C ILE B 264 -6.86 -21.58 33.30
N ASP B 265 -8.00 -22.18 32.98
CA ASP B 265 -8.06 -23.23 31.96
C ASP B 265 -8.10 -22.65 30.53
N ALA B 266 -6.93 -22.21 30.05
CA ALA B 266 -6.80 -21.42 28.81
C ALA B 266 -6.95 -22.22 27.50
N GLY B 267 -6.91 -23.54 27.59
CA GLY B 267 -7.18 -24.37 26.42
C GLY B 267 -6.23 -24.17 25.27
N LEU B 268 -6.77 -24.14 24.06
CA LEU B 268 -5.96 -23.97 22.86
C LEU B 268 -6.56 -22.87 21.98
N PRO B 269 -5.79 -22.39 21.00
CA PRO B 269 -6.38 -21.58 19.92
C PRO B 269 -7.17 -22.46 18.98
N LYS B 270 -8.25 -21.93 18.43
CA LYS B 270 -8.99 -22.65 17.41
C LYS B 270 -8.16 -22.63 16.12
N ARG B 271 -7.92 -23.80 15.54
CA ARG B 271 -7.20 -23.86 14.27
C ARG B 271 -8.03 -23.13 13.21
N PRO B 272 -7.36 -22.52 12.22
CA PRO B 272 -5.94 -22.66 11.86
C PRO B 272 -4.94 -21.87 12.71
N PHE B 273 -5.35 -21.21 13.79
CA PHE B 273 -4.37 -20.69 14.74
C PHE B 273 -3.57 -21.82 15.34
N LYS B 274 -2.25 -21.67 15.38
CA LYS B 274 -1.40 -22.66 16.04
C LYS B 274 -1.21 -22.36 17.52
N PRO B 275 -0.99 -23.41 18.33
CA PRO B 275 -0.77 -23.23 19.77
C PRO B 275 0.51 -22.44 20.05
N PHE B 276 0.65 -21.97 21.28
CA PHE B 276 1.87 -21.31 21.71
C PHE B 276 3.06 -22.18 21.41
N ASN B 277 4.03 -21.64 20.69
CA ASN B 277 5.23 -22.40 20.39
C ASN B 277 6.16 -22.36 21.58
N GLU B 278 6.49 -23.52 22.12
CA GLU B 278 7.25 -23.58 23.36
C GLU B 278 8.66 -23.02 23.27
N ALA B 279 9.17 -22.81 22.06
CA ALA B 279 10.50 -22.23 21.92
C ALA B 279 10.54 -20.79 22.46
N HIS B 280 9.36 -20.19 22.58
CA HIS B 280 9.19 -18.84 23.16
C HIS B 280 9.02 -18.86 24.68
N ARG B 281 8.92 -20.06 25.26
CA ARG B 281 8.59 -20.24 26.68
C ARG B 281 9.45 -19.41 27.65
N GLN B 282 10.77 -19.48 27.48
CA GLN B 282 11.68 -18.81 28.40
C GLN B 282 11.42 -17.31 28.43
N THR B 283 11.48 -16.71 27.25
CA THR B 283 11.31 -15.27 27.08
C THR B 283 10.01 -14.77 27.71
N LEU B 284 8.93 -15.53 27.50
CA LEU B 284 7.63 -15.24 28.09
C LEU B 284 7.63 -15.30 29.63
N ASP B 285 8.36 -16.27 30.21
CA ASP B 285 8.45 -16.37 31.67
C ASP B 285 9.20 -15.18 32.26
N GLN B 286 10.26 -14.73 31.58
CA GLN B 286 10.95 -13.51 31.98
C GLN B 286 10.02 -12.29 31.93
N LEU B 287 9.13 -12.27 30.93
CA LEU B 287 8.20 -11.17 30.80
C LEU B 287 7.18 -11.26 31.92
N ILE B 288 6.68 -12.46 32.15
CA ILE B 288 5.71 -12.68 33.21
C ILE B 288 6.32 -12.27 34.57
N ALA B 289 7.60 -12.59 34.76
CA ALA B 289 8.32 -12.24 36.00
C ALA B 289 8.58 -10.73 36.12
N LYS B 290 9.12 -10.12 35.07
CA LYS B 290 9.46 -8.70 35.12
C LYS B 290 8.25 -7.80 35.44
N TYR B 291 7.14 -8.01 34.75
CA TYR B 291 5.99 -7.12 34.89
C TYR B 291 4.92 -7.70 35.81
N ASP B 292 5.24 -8.88 36.37
CA ASP B 292 4.33 -9.60 37.26
C ASP B 292 2.94 -9.73 36.63
N LEU B 293 2.79 -10.74 35.78
CA LEU B 293 1.54 -10.96 35.06
C LEU B 293 0.80 -12.21 35.56
N ASN C 2 11.26 13.46 -37.32
CA ASN C 2 11.80 12.68 -38.43
C ASN C 2 11.75 11.14 -38.21
N LYS C 3 12.63 10.62 -37.35
CA LYS C 3 12.85 9.17 -37.20
C LYS C 3 11.66 8.41 -36.60
N ASP C 4 11.46 7.18 -37.07
CA ASP C 4 10.49 6.27 -36.45
C ASP C 4 11.08 5.75 -35.15
N LEU C 5 10.36 5.92 -34.04
CA LEU C 5 10.95 5.66 -32.73
C LEU C 5 10.67 4.25 -32.20
N LYS C 6 9.90 3.46 -32.93
CA LYS C 6 9.69 2.07 -32.54
C LYS C 6 11.03 1.32 -32.42
N GLY C 7 11.00 0.19 -31.74
CA GLY C 7 12.21 -0.61 -31.60
C GLY C 7 12.64 -0.88 -30.17
N LEU C 8 13.79 -1.56 -30.05
CA LEU C 8 14.34 -1.90 -28.75
C LEU C 8 15.46 -0.95 -28.41
N TYR C 9 15.43 -0.47 -27.17
CA TYR C 9 16.40 0.49 -26.67
C TYR C 9 17.13 -0.04 -25.44
N ALA C 10 18.44 0.15 -25.38
CA ALA C 10 19.14 -0.10 -24.14
C ALA C 10 19.01 1.14 -23.24
N ALA C 11 18.52 0.96 -22.02
CA ALA C 11 18.61 1.99 -21.00
C ALA C 11 20.06 2.06 -20.57
N LEU C 12 20.74 3.16 -20.90
CA LEU C 12 22.18 3.20 -20.87
C LEU C 12 22.82 3.25 -19.45
N LEU C 13 23.52 2.17 -19.08
CA LEU C 13 24.37 2.14 -17.88
C LEU C 13 25.55 3.09 -18.01
N VAL C 14 26.03 3.58 -16.87
CA VAL C 14 27.09 4.59 -16.84
C VAL C 14 28.15 4.20 -15.81
N PRO C 15 29.44 4.25 -16.20
CA PRO C 15 30.52 3.88 -15.28
C PRO C 15 31.17 5.10 -14.59
N PHE C 16 31.39 4.98 -13.29
CA PHE C 16 31.92 6.09 -12.50
C PHE C 16 33.28 5.73 -11.89
N ASP C 17 34.06 6.73 -11.50
CA ASP C 17 35.32 6.46 -10.80
C ASP C 17 35.09 6.56 -9.29
N GLU C 18 36.18 6.54 -8.52
CA GLU C 18 36.16 6.60 -7.06
C GLU C 18 35.35 7.75 -6.47
N ASN C 19 35.36 8.88 -7.16
CA ASN C 19 34.80 10.14 -6.66
C ASN C 19 33.41 10.45 -7.19
N GLY C 20 32.88 9.58 -8.05
CA GLY C 20 31.55 9.77 -8.58
C GLY C 20 31.53 10.53 -9.91
N GLN C 21 32.70 10.68 -10.51
CA GLN C 21 32.84 11.37 -11.81
C GLN C 21 32.74 10.36 -12.96
N VAL C 22 32.14 10.78 -14.07
CA VAL C 22 31.86 9.85 -15.17
C VAL C 22 33.11 9.32 -15.89
N ASN C 23 33.14 8.01 -16.13
CA ASN C 23 34.16 7.39 -16.96
C ASN C 23 33.72 7.46 -18.42
N GLU C 24 34.19 8.47 -19.14
CA GLU C 24 33.72 8.67 -20.52
C GLU C 24 34.14 7.55 -21.46
N GLN C 25 35.37 7.05 -21.35
CA GLN C 25 35.75 5.95 -22.24
C GLN C 25 34.93 4.68 -21.96
N GLY C 26 34.73 4.33 -20.70
CA GLY C 26 33.82 3.26 -20.38
C GLY C 26 32.43 3.47 -20.96
N LEU C 27 31.92 4.68 -20.80
CA LEU C 27 30.58 5.03 -21.26
C LEU C 27 30.40 4.79 -22.76
N LYS C 28 31.39 5.22 -23.54
CA LYS C 28 31.38 5.04 -25.00
C LYS C 28 31.40 3.55 -25.39
N GLN C 29 32.13 2.75 -24.62
CA GLN C 29 32.20 1.31 -24.87
C GLN C 29 30.84 0.71 -24.62
N ILE C 30 30.23 1.09 -23.51
CA ILE C 30 28.93 0.58 -23.15
C ILE C 30 27.90 0.98 -24.18
N ALA C 31 27.99 2.23 -24.61
CA ALA C 31 27.09 2.73 -25.64
C ALA C 31 27.21 1.86 -26.88
N GLN C 32 28.44 1.66 -27.34
CA GLN C 32 28.71 0.85 -28.53
C GLN C 32 28.32 -0.62 -28.37
N ASN C 33 28.60 -1.18 -27.20
CA ASN C 33 28.15 -2.55 -26.89
C ASN C 33 26.65 -2.74 -27.14
N ALA C 34 25.86 -1.72 -26.81
CA ALA C 34 24.41 -1.82 -26.87
C ALA C 34 23.91 -1.84 -28.31
N ILE C 35 24.69 -1.25 -29.20
CA ILE C 35 24.31 -1.19 -30.60
C ILE C 35 25.02 -2.27 -31.43
N GLU C 36 26.35 -2.31 -31.31
CA GLU C 36 27.15 -3.20 -32.12
C GLU C 36 27.03 -4.65 -31.67
N THR C 37 27.28 -4.90 -30.39
CA THR C 37 27.18 -6.24 -29.83
C THR C 37 25.74 -6.71 -29.60
N GLU C 38 24.93 -5.91 -28.92
CA GLU C 38 23.58 -6.36 -28.59
C GLU C 38 22.57 -6.09 -29.71
N GLU C 39 23.00 -5.31 -30.70
CA GLU C 39 22.21 -5.11 -31.92
C GLU C 39 20.83 -4.52 -31.60
N LEU C 40 20.83 -3.44 -30.80
CA LEU C 40 19.59 -2.75 -30.44
C LEU C 40 19.39 -1.52 -31.34
N ASP C 41 18.12 -1.18 -31.59
CA ASP C 41 17.77 -0.08 -32.48
C ASP C 41 18.13 1.29 -31.94
N GLY C 42 18.39 1.38 -30.64
CA GLY C 42 18.75 2.66 -30.08
C GLY C 42 19.05 2.67 -28.59
N LEU C 43 19.28 3.88 -28.09
CA LEU C 43 19.66 4.13 -26.71
C LEU C 43 18.62 4.99 -26.00
N TYR C 44 18.50 4.81 -24.69
CA TYR C 44 17.68 5.65 -23.83
C TYR C 44 18.59 6.24 -22.76
N VAL C 45 18.95 7.50 -22.93
CA VAL C 45 20.05 8.11 -22.18
C VAL C 45 19.59 8.88 -20.95
N ASN C 46 20.36 8.81 -19.88
CA ASN C 46 20.04 9.48 -18.61
C ASN C 46 18.69 9.09 -18.00
N GLY C 47 18.38 7.80 -18.04
CA GLY C 47 17.25 7.27 -17.32
C GLY C 47 17.69 6.76 -15.96
N SER C 48 16.76 6.10 -15.26
CA SER C 48 17.05 5.57 -13.93
C SER C 48 18.30 4.70 -13.98
N SER C 49 18.38 3.87 -15.03
CA SER C 49 19.45 2.87 -15.19
C SER C 49 20.81 3.51 -15.28
N GLY C 50 20.83 4.76 -15.70
CA GLY C 50 22.07 5.50 -15.78
C GLY C 50 22.43 6.18 -14.47
N GLU C 51 21.70 5.88 -13.40
CA GLU C 51 21.89 6.54 -12.09
C GLU C 51 21.77 8.07 -12.25
N ASN C 52 20.92 8.46 -13.21
CA ASN C 52 20.75 9.86 -13.60
C ASN C 52 20.42 10.82 -12.47
N PHE C 53 19.61 10.38 -11.52
CA PHE C 53 19.14 11.27 -10.46
C PHE C 53 20.15 11.46 -9.35
N LEU C 54 21.32 10.87 -9.52
CA LEU C 54 22.42 10.99 -8.56
C LEU C 54 23.42 11.98 -9.09
N LEU C 55 23.19 12.39 -10.34
CA LEU C 55 24.12 13.21 -11.10
C LEU C 55 23.81 14.71 -11.01
N ASN C 56 24.82 15.56 -11.18
CA ASN C 56 24.56 16.99 -11.32
C ASN C 56 24.31 17.30 -12.79
N THR C 57 23.91 18.54 -13.08
CA THR C 57 23.57 18.95 -14.45
C THR C 57 24.69 18.77 -15.48
N GLU C 58 25.88 19.28 -15.16
CA GLU C 58 27.09 19.12 -15.99
C GLU C 58 27.28 17.67 -16.45
N GLN C 59 27.28 16.77 -15.46
CA GLN C 59 27.41 15.33 -15.71
C GLN C 59 26.32 14.78 -16.62
N LYS C 60 25.08 15.24 -16.46
CA LYS C 60 23.99 14.78 -17.29
C LYS C 60 24.22 15.16 -18.75
N LYS C 61 24.65 16.39 -18.98
CA LYS C 61 25.03 16.84 -20.31
C LYS C 61 26.17 15.98 -20.81
N GLN C 62 27.15 15.79 -19.94
CA GLN C 62 28.34 14.98 -20.24
C GLN C 62 27.95 13.62 -20.79
N VAL C 63 26.97 12.98 -20.15
CA VAL C 63 26.50 11.68 -20.58
C VAL C 63 25.78 11.81 -21.92
N PHE C 64 24.94 12.82 -22.05
CA PHE C 64 24.17 13.05 -23.28
C PHE C 64 25.08 13.20 -24.49
N LYS C 65 26.20 13.88 -24.28
CA LYS C 65 27.16 14.14 -25.34
C LYS C 65 27.88 12.84 -25.77
N VAL C 66 28.45 12.14 -24.80
CA VAL C 66 29.19 10.90 -25.07
C VAL C 66 28.33 9.86 -25.77
N ALA C 67 27.11 9.69 -25.30
CA ALA C 67 26.21 8.70 -25.91
C ALA C 67 25.89 9.06 -27.35
N LYS C 68 25.77 10.35 -27.65
CA LYS C 68 25.55 10.79 -29.03
C LYS C 68 26.80 10.50 -29.89
N GLU C 69 27.98 10.74 -29.33
CA GLU C 69 29.22 10.59 -30.09
C GLU C 69 29.70 9.16 -30.25
N ALA C 70 29.01 8.22 -29.61
CA ALA C 70 29.45 6.84 -29.64
C ALA C 70 28.70 6.08 -30.71
N VAL C 71 27.55 6.60 -31.12
CA VAL C 71 26.74 5.84 -32.06
C VAL C 71 26.66 6.48 -33.42
N GLY C 72 25.98 5.78 -34.32
CA GLY C 72 25.75 6.25 -35.67
C GLY C 72 24.46 7.03 -35.84
N ASP C 73 24.36 7.70 -36.98
CA ASP C 73 23.22 8.55 -37.27
C ASP C 73 21.91 7.76 -37.25
N LYS C 74 21.97 6.51 -37.67
CA LYS C 74 20.78 5.67 -37.77
C LYS C 74 20.28 5.26 -36.38
N VAL C 75 21.18 5.31 -35.40
CA VAL C 75 20.86 4.91 -34.04
C VAL C 75 19.87 5.87 -33.42
N LYS C 76 18.71 5.35 -33.00
CA LYS C 76 17.72 6.17 -32.33
C LYS C 76 18.25 6.58 -30.97
N LEU C 77 17.90 7.79 -30.54
CA LEU C 77 18.41 8.33 -29.31
C LEU C 77 17.29 9.07 -28.58
N ILE C 78 16.88 8.56 -27.42
CA ILE C 78 15.90 9.24 -26.58
C ILE C 78 16.59 9.84 -25.36
N ALA C 79 16.20 11.06 -25.00
CA ALA C 79 16.89 11.78 -23.92
C ALA C 79 15.98 11.92 -22.71
N GLN C 80 16.35 11.38 -21.54
CA GLN C 80 15.47 11.69 -20.43
C GLN C 80 16.08 12.83 -19.68
N VAL C 81 15.26 13.87 -19.55
CA VAL C 81 15.65 15.16 -19.01
C VAL C 81 14.77 15.52 -17.79
N GLY C 82 13.82 14.65 -17.49
CA GLY C 82 13.00 14.81 -16.31
C GLY C 82 13.83 15.08 -15.05
N SER C 83 13.30 15.99 -14.21
CA SER C 83 13.96 16.41 -12.99
C SER C 83 12.94 17.17 -12.18
N LEU C 84 13.15 17.23 -10.86
CA LEU C 84 12.25 18.01 -10.04
C LEU C 84 12.47 19.48 -10.30
N ASP C 85 13.67 19.82 -10.75
CA ASP C 85 13.97 21.18 -11.18
C ASP C 85 13.57 21.33 -12.64
N LEU C 86 12.45 22.00 -12.85
CA LEU C 86 11.91 22.26 -14.18
C LEU C 86 12.83 23.15 -15.00
N ASN C 87 13.50 24.10 -14.33
CA ASN C 87 14.51 24.92 -14.98
C ASN C 87 15.63 24.05 -15.53
N GLU C 88 16.02 23.03 -14.74
CA GLU C 88 17.04 22.07 -15.17
C GLU C 88 16.55 21.19 -16.34
N ALA C 89 15.31 20.72 -16.27
CA ALA C 89 14.74 19.88 -17.30
C ALA C 89 14.72 20.61 -18.64
N ILE C 90 14.30 21.87 -18.62
CA ILE C 90 14.28 22.66 -19.83
C ILE C 90 15.69 22.95 -20.34
N GLU C 91 16.64 23.16 -19.45
CA GLU C 91 18.03 23.37 -19.85
C GLU C 91 18.63 22.12 -20.53
N LEU C 92 18.31 20.94 -20.00
CA LEU C 92 18.77 19.68 -20.60
C LEU C 92 17.93 19.34 -21.81
N GLY C 93 16.63 19.59 -21.70
CA GLY C 93 15.71 19.43 -22.81
C GLY C 93 16.18 20.17 -24.05
N LYS C 94 16.68 21.39 -23.87
CA LYS C 94 17.20 22.18 -24.99
C LYS C 94 18.52 21.58 -25.46
N TYR C 95 19.44 21.36 -24.53
CA TYR C 95 20.77 20.83 -24.84
C TYR C 95 20.70 19.51 -25.60
N ALA C 96 19.79 18.65 -25.19
CA ALA C 96 19.71 17.34 -25.82
C ALA C 96 19.01 17.42 -27.15
N THR C 97 18.09 18.36 -27.30
CA THR C 97 17.32 18.45 -28.54
C THR C 97 18.23 18.91 -29.66
N GLU C 98 19.11 19.84 -29.33
CA GLU C 98 20.04 20.36 -30.32
C GLU C 98 21.24 19.46 -30.58
N LEU C 99 21.53 18.54 -29.66
CA LEU C 99 22.52 17.50 -29.93
C LEU C 99 21.96 16.55 -30.97
N GLY C 100 20.65 16.57 -31.16
CA GLY C 100 20.03 15.79 -32.19
C GLY C 100 19.25 14.58 -31.70
N TYR C 101 18.97 14.52 -30.41
CA TYR C 101 18.18 13.43 -29.86
C TYR C 101 16.76 13.45 -30.39
N ASP C 102 16.30 12.30 -30.84
CA ASP C 102 15.11 12.22 -31.66
C ASP C 102 13.83 12.51 -30.86
N ALA C 103 13.95 12.45 -29.54
CA ALA C 103 12.82 12.71 -28.66
C ALA C 103 13.31 12.88 -27.22
N LEU C 104 12.50 13.57 -26.42
CA LEU C 104 12.80 13.73 -25.02
C LEU C 104 11.84 12.86 -24.23
N SER C 105 12.27 12.49 -23.03
CA SER C 105 11.40 11.82 -22.08
C SER C 105 11.59 12.51 -20.71
N ALA C 106 10.54 12.54 -19.89
CA ALA C 106 10.65 13.19 -18.58
C ALA C 106 9.85 12.40 -17.56
N VAL C 107 10.51 12.04 -16.46
CA VAL C 107 9.82 11.33 -15.41
C VAL C 107 8.74 12.25 -14.83
N THR C 108 7.66 11.66 -14.36
CA THR C 108 6.64 12.44 -13.70
C THR C 108 7.25 13.06 -12.45
N PRO C 109 6.93 14.34 -12.18
CA PRO C 109 7.35 14.96 -10.92
C PRO C 109 6.95 14.09 -9.74
N PHE C 110 7.93 13.75 -8.91
CA PHE C 110 7.73 12.84 -7.79
C PHE C 110 8.01 13.58 -6.48
N TYR C 111 8.18 12.81 -5.40
CA TYR C 111 8.45 13.31 -4.04
C TYR C 111 7.31 14.13 -3.42
N TYR C 112 6.94 15.26 -4.04
CA TYR C 112 5.78 16.01 -3.59
C TYR C 112 4.51 15.44 -4.19
N PRO C 113 3.37 15.63 -3.51
CA PRO C 113 2.07 15.18 -4.03
C PRO C 113 1.50 16.15 -5.06
N PHE C 114 2.19 16.30 -6.18
CA PHE C 114 1.71 17.18 -7.24
C PHE C 114 0.34 16.79 -7.78
N THR C 115 -0.52 17.78 -8.03
CA THR C 115 -1.78 17.55 -8.74
C THR C 115 -1.57 17.16 -10.21
N PHE C 116 -2.61 16.61 -10.85
CA PHE C 116 -2.50 16.30 -12.26
C PHE C 116 -2.23 17.54 -13.09
N GLU C 117 -2.82 18.67 -12.72
CA GLU C 117 -2.65 19.89 -13.50
C GLU C 117 -1.20 20.35 -13.49
N GLU C 118 -0.58 20.32 -12.32
CA GLU C 118 0.83 20.70 -12.19
C GLU C 118 1.68 19.74 -13.01
N ILE C 119 1.32 18.45 -12.97
CA ILE C 119 2.02 17.43 -13.76
C ILE C 119 1.87 17.69 -15.27
N ARG C 120 0.63 17.86 -15.73
CA ARG C 120 0.32 18.20 -17.13
C ARG C 120 1.14 19.40 -17.61
N ASP C 121 1.08 20.51 -16.86
CA ASP C 121 1.74 21.73 -17.30
C ASP C 121 3.26 21.68 -17.15
N TYR C 122 3.76 20.77 -16.32
CA TYR C 122 5.18 20.42 -16.32
C TYR C 122 5.59 19.88 -17.70
N TYR C 123 4.83 18.92 -18.20
CA TYR C 123 5.11 18.34 -19.52
C TYR C 123 4.95 19.38 -20.64
N PHE C 124 3.88 20.18 -20.58
CA PHE C 124 3.64 21.22 -21.59
C PHE C 124 4.70 22.33 -21.58
N ASP C 125 5.15 22.73 -20.39
CA ASP C 125 6.21 23.74 -20.26
C ASP C 125 7.54 23.28 -20.88
N ILE C 126 7.85 21.99 -20.78
CA ILE C 126 9.08 21.45 -21.36
C ILE C 126 8.99 21.41 -22.90
N ILE C 127 7.85 20.97 -23.42
CA ILE C 127 7.65 20.95 -24.86
C ILE C 127 7.74 22.35 -25.47
N GLU C 128 7.06 23.31 -24.85
CA GLU C 128 7.03 24.67 -25.37
C GLU C 128 8.43 25.29 -25.42
N ALA C 129 9.26 24.95 -24.46
CA ALA C 129 10.61 25.50 -24.44
C ALA C 129 11.58 24.75 -25.37
N THR C 130 11.20 23.56 -25.85
CA THR C 130 12.13 22.73 -26.65
C THR C 130 11.57 22.39 -28.04
N GLN C 131 10.25 22.33 -28.15
CA GLN C 131 9.55 22.01 -29.40
C GLN C 131 9.87 20.59 -29.88
N ASN C 132 10.58 19.85 -29.05
CA ASN C 132 10.88 18.47 -29.39
C ASN C 132 9.73 17.56 -28.99
N ASN C 133 9.83 16.31 -29.39
CA ASN C 133 8.82 15.35 -29.04
C ASN C 133 9.03 14.88 -27.61
N MET C 134 7.97 14.36 -27.01
CA MET C 134 7.99 14.03 -25.60
C MET C 134 7.40 12.65 -25.38
N ILE C 135 8.02 11.90 -24.47
CA ILE C 135 7.54 10.61 -24.02
C ILE C 135 7.29 10.65 -22.50
N ILE C 136 6.05 10.45 -22.08
CA ILE C 136 5.73 10.61 -20.65
C ILE C 136 6.08 9.35 -19.84
N TYR C 137 6.53 9.56 -18.60
CA TYR C 137 7.22 8.54 -17.80
C TYR C 137 6.78 8.59 -16.35
N ALA C 138 6.14 7.54 -15.85
CA ALA C 138 5.64 7.53 -14.46
C ALA C 138 6.34 6.50 -13.58
N ILE C 147 -1.77 7.20 -13.07
CA ILE C 147 -2.76 8.19 -13.50
C ILE C 147 -3.90 7.66 -14.38
N SER C 148 -4.94 8.48 -14.51
CA SER C 148 -6.20 8.09 -15.13
C SER C 148 -6.12 8.01 -16.65
N ILE C 149 -6.91 7.12 -17.24
CA ILE C 149 -6.96 6.99 -18.69
C ILE C 149 -7.43 8.31 -19.34
N GLU C 150 -8.37 9.00 -18.68
CA GLU C 150 -8.85 10.32 -19.14
C GLU C 150 -7.75 11.38 -19.03
N GLN C 151 -6.90 11.20 -18.03
CA GLN C 151 -5.71 12.02 -17.88
C GLN C 151 -4.75 11.77 -19.04
N PHE C 152 -4.49 10.50 -19.34
CA PHE C 152 -3.70 10.16 -20.53
C PHE C 152 -4.25 10.84 -21.75
N SER C 153 -5.58 10.86 -21.86
CA SER C 153 -6.27 11.50 -23.00
C SER C 153 -5.85 12.94 -23.17
N GLU C 154 -5.98 13.72 -22.09
CA GLU C 154 -5.65 15.14 -22.08
C GLU C 154 -4.17 15.38 -22.36
N LEU C 155 -3.33 14.46 -21.89
CA LEU C 155 -1.91 14.51 -22.20
C LEU C 155 -1.63 14.15 -23.66
N PHE C 156 -2.21 13.05 -24.11
CA PHE C 156 -2.00 12.58 -25.49
C PHE C 156 -2.78 13.45 -26.47
N ASN C 157 -3.61 14.35 -25.95
CA ASN C 157 -4.34 15.27 -26.80
C ASN C 157 -3.35 16.25 -27.43
N HIS C 158 -2.17 16.36 -26.81
CA HIS C 158 -1.09 17.20 -27.32
C HIS C 158 -0.34 16.47 -28.42
N GLU C 159 -0.13 17.15 -29.56
CA GLU C 159 0.47 16.51 -30.72
C GLU C 159 1.91 16.13 -30.48
N LYS C 160 2.59 16.88 -29.59
CA LYS C 160 4.02 16.66 -29.31
C LYS C 160 4.28 15.62 -28.19
N ILE C 161 3.21 15.13 -27.58
CA ILE C 161 3.33 13.98 -26.71
C ILE C 161 3.09 12.74 -27.57
N VAL C 162 4.15 12.26 -28.19
CA VAL C 162 4.07 11.12 -29.09
C VAL C 162 3.86 9.77 -28.38
N GLY C 163 4.12 9.70 -27.08
CA GLY C 163 3.88 8.48 -26.33
C GLY C 163 4.29 8.35 -24.87
N VAL C 164 4.33 7.11 -24.39
CA VAL C 164 4.57 6.82 -22.99
C VAL C 164 5.57 5.70 -22.82
N LYS C 165 6.52 5.89 -21.91
CA LYS C 165 7.32 4.77 -21.42
C LYS C 165 6.56 4.05 -20.32
N TYR C 166 6.00 2.90 -20.64
CA TYR C 166 5.08 2.22 -19.74
C TYR C 166 5.80 1.24 -18.80
N THR C 167 5.76 1.53 -17.50
CA THR C 167 6.61 0.85 -16.51
C THR C 167 5.84 0.04 -15.47
N ALA C 168 4.56 0.37 -15.27
CA ALA C 168 3.74 -0.29 -14.26
C ALA C 168 3.22 -1.64 -14.73
N PRO C 169 3.30 -2.66 -13.86
CA PRO C 169 3.02 -4.06 -14.22
C PRO C 169 1.53 -4.37 -14.35
N ASN C 170 0.76 -3.44 -14.93
CA ASN C 170 -0.68 -3.59 -15.09
C ASN C 170 -1.07 -3.74 -16.56
N PHE C 171 -1.64 -4.90 -16.91
CA PHE C 171 -1.90 -5.24 -18.31
C PHE C 171 -3.35 -4.99 -18.70
N PHE C 172 -4.20 -4.69 -17.72
CA PHE C 172 -5.52 -4.15 -17.99
C PHE C 172 -5.36 -2.71 -18.47
N LEU C 173 -4.64 -1.91 -17.69
CA LEU C 173 -4.42 -0.51 -18.02
C LEU C 173 -3.65 -0.39 -19.35
N LEU C 174 -2.69 -1.27 -19.59
CA LEU C 174 -1.95 -1.27 -20.84
C LEU C 174 -2.88 -1.59 -22.02
N GLU C 175 -3.83 -2.48 -21.80
CA GLU C 175 -4.77 -2.89 -22.84
C GLU C 175 -5.68 -1.72 -23.20
N ARG C 176 -6.07 -0.95 -22.18
CA ARG C 176 -6.92 0.22 -22.34
C ARG C 176 -6.17 1.33 -23.06
N ILE C 177 -4.95 1.63 -22.65
CA ILE C 177 -4.22 2.70 -23.32
C ILE C 177 -4.02 2.32 -24.79
N ARG C 178 -3.72 1.05 -25.07
CA ARG C 178 -3.45 0.63 -26.45
C ARG C 178 -4.70 0.70 -27.33
N LYS C 179 -5.84 0.28 -26.81
CA LYS C 179 -7.06 0.40 -27.56
C LYS C 179 -7.41 1.87 -27.82
N ALA C 180 -7.23 2.70 -26.80
CA ALA C 180 -7.66 4.10 -26.82
C ALA C 180 -6.74 5.01 -27.62
N PHE C 181 -5.46 4.65 -27.69
CA PHE C 181 -4.51 5.50 -28.41
C PHE C 181 -3.65 4.71 -29.41
N PRO C 182 -4.30 4.17 -30.47
CA PRO C 182 -3.58 3.35 -31.48
C PRO C 182 -2.50 4.13 -32.21
N ASP C 183 -2.61 5.46 -32.20
CA ASP C 183 -1.68 6.31 -32.96
C ASP C 183 -0.48 6.73 -32.12
N LYS C 184 -0.55 6.43 -30.82
CA LYS C 184 0.52 6.78 -29.89
C LYS C 184 1.54 5.66 -29.71
N LEU C 185 2.79 6.06 -29.53
CA LEU C 185 3.89 5.14 -29.26
C LEU C 185 3.85 4.66 -27.82
N ILE C 186 3.95 3.35 -27.61
CA ILE C 186 4.05 2.76 -26.28
C ILE C 186 5.30 1.87 -26.18
N LEU C 187 6.25 2.26 -25.35
CA LEU C 187 7.43 1.45 -25.09
C LEU C 187 7.32 0.93 -23.65
N SER C 188 7.51 -0.38 -23.46
CA SER C 188 7.40 -0.96 -22.13
C SER C 188 8.76 -0.96 -21.46
N GLY C 189 8.74 -0.87 -20.14
CA GLY C 189 9.98 -0.77 -19.39
C GLY C 189 10.29 -2.01 -18.57
N PHE C 190 9.38 -2.98 -18.53
CA PHE C 190 9.60 -4.17 -17.71
C PHE C 190 10.19 -5.35 -18.53
N ASP C 191 11.52 -5.48 -18.52
CA ASP C 191 12.19 -6.54 -19.28
C ASP C 191 11.66 -7.95 -19.01
N GLU C 192 11.23 -8.20 -17.78
CA GLU C 192 10.91 -9.57 -17.34
C GLU C 192 9.51 -9.95 -17.79
N MET C 193 8.84 -9.01 -18.45
CA MET C 193 7.50 -9.23 -18.97
C MET C 193 7.37 -8.70 -20.39
N LEU C 194 8.44 -8.89 -21.16
CA LEU C 194 8.51 -8.46 -22.54
C LEU C 194 7.47 -9.15 -23.38
N VAL C 195 7.40 -10.46 -23.26
CA VAL C 195 6.57 -11.23 -24.15
C VAL C 195 5.11 -10.85 -23.93
N GLN C 196 4.73 -10.61 -22.68
CA GLN C 196 3.37 -10.19 -22.39
C GLN C 196 3.08 -8.80 -22.95
N ALA C 197 4.07 -7.91 -22.89
CA ALA C 197 3.95 -6.55 -23.41
C ALA C 197 3.76 -6.57 -24.93
N THR C 198 4.53 -7.44 -25.60
CA THR C 198 4.55 -7.53 -27.05
C THR C 198 3.22 -8.01 -27.63
N ILE C 199 2.63 -9.03 -27.00
CA ILE C 199 1.36 -9.51 -27.47
C ILE C 199 0.28 -8.53 -27.02
N SER C 200 0.66 -7.56 -26.21
CA SER C 200 -0.26 -6.50 -25.81
C SER C 200 -0.12 -5.29 -26.71
N GLY C 201 0.77 -5.40 -27.69
CA GLY C 201 0.84 -4.43 -28.77
C GLY C 201 1.77 -3.23 -28.56
N VAL C 202 2.78 -3.40 -27.73
CA VAL C 202 3.76 -2.34 -27.53
C VAL C 202 4.56 -2.16 -28.82
N ASP C 203 5.14 -0.98 -29.00
CA ASP C 203 5.90 -0.68 -30.21
C ASP C 203 7.38 -0.94 -30.03
N GLY C 204 7.74 -1.49 -28.87
CA GLY C 204 9.14 -1.60 -28.50
C GLY C 204 9.30 -1.58 -26.99
N ALA C 205 10.54 -1.47 -26.53
CA ALA C 205 10.80 -1.61 -25.11
C ALA C 205 12.10 -0.93 -24.73
N ILE C 206 12.14 -0.41 -23.51
CA ILE C 206 13.36 0.15 -22.94
C ILE C 206 13.74 -0.75 -21.75
N GLY C 207 14.98 -1.21 -21.73
CA GLY C 207 15.40 -2.11 -20.68
C GLY C 207 16.84 -1.90 -20.26
N SER C 208 17.11 -2.01 -18.96
CA SER C 208 18.49 -2.02 -18.47
C SER C 208 19.25 -3.29 -18.88
N THR C 209 18.57 -4.44 -18.88
CA THR C 209 19.25 -5.72 -19.08
C THR C 209 19.56 -6.03 -20.55
N TYR C 210 18.96 -5.26 -21.47
CA TYR C 210 19.22 -5.41 -22.90
C TYR C 210 20.68 -5.00 -23.22
N ASN C 211 21.32 -4.32 -22.26
CA ASN C 211 22.77 -4.03 -22.34
C ASN C 211 23.59 -5.33 -22.38
N VAL C 212 22.92 -6.43 -22.05
CA VAL C 212 23.60 -7.70 -21.79
C VAL C 212 22.85 -8.88 -22.44
N ASN C 213 21.53 -8.75 -22.56
CA ASN C 213 20.70 -9.81 -23.12
C ASN C 213 19.87 -9.28 -24.29
N GLY C 214 20.46 -8.38 -25.06
CA GLY C 214 19.76 -7.73 -26.16
C GLY C 214 19.26 -8.66 -27.25
N ARG C 215 20.09 -9.65 -27.61
CA ARG C 215 19.75 -10.56 -28.71
C ARG C 215 18.58 -11.50 -28.40
N ARG C 216 18.50 -12.04 -27.19
CA ARG C 216 17.32 -12.84 -26.81
C ARG C 216 16.03 -12.00 -26.77
N ALA C 217 16.20 -10.69 -26.58
CA ALA C 217 15.05 -9.81 -26.44
C ALA C 217 14.45 -9.54 -27.80
N ARG C 218 15.30 -9.32 -28.80
CA ARG C 218 14.77 -9.15 -30.13
C ARG C 218 14.02 -10.42 -30.56
N LYS C 219 14.58 -11.58 -30.27
CA LYS C 219 13.95 -12.83 -30.65
C LYS C 219 12.59 -12.95 -29.97
N ILE C 220 12.54 -12.66 -28.67
CA ILE C 220 11.26 -12.64 -27.95
C ILE C 220 10.25 -11.72 -28.62
N PHE C 221 10.72 -10.55 -29.06
CA PHE C 221 9.82 -9.52 -29.57
C PHE C 221 9.35 -9.91 -30.97
N ASP C 222 10.25 -10.49 -31.74
CA ASP C 222 9.93 -10.90 -33.10
C ASP C 222 9.06 -12.15 -33.13
N LEU C 223 9.49 -13.20 -32.43
CA LEU C 223 8.76 -14.47 -32.42
C LEU C 223 7.34 -14.29 -31.93
N ALA C 224 7.18 -13.51 -30.86
CA ALA C 224 5.86 -13.23 -30.28
C ALA C 224 4.92 -12.65 -31.31
N ARG C 225 5.46 -11.77 -32.16
CA ARG C 225 4.65 -11.08 -33.15
C ARG C 225 4.26 -12.05 -34.27
N GLN C 226 5.09 -13.05 -34.51
CA GLN C 226 4.86 -13.97 -35.62
C GLN C 226 4.08 -15.20 -35.19
N GLY C 227 3.60 -15.20 -33.96
CA GLY C 227 2.88 -16.35 -33.45
C GLY C 227 3.74 -17.51 -32.97
N GLN C 228 5.06 -17.40 -33.09
CA GLN C 228 5.94 -18.37 -32.47
C GLN C 228 5.96 -18.10 -30.98
N ILE C 229 4.80 -18.22 -30.34
CA ILE C 229 4.67 -17.73 -29.00
C ILE C 229 5.37 -18.67 -28.00
N GLN C 230 5.34 -19.96 -28.27
CA GLN C 230 5.91 -20.93 -27.33
C GLN C 230 7.43 -20.76 -27.23
N GLU C 231 8.07 -20.56 -28.39
CA GLU C 231 9.49 -20.27 -28.44
C GLU C 231 9.83 -18.92 -27.80
N ALA C 232 8.93 -17.95 -27.94
CA ALA C 232 9.14 -16.64 -27.34
C ALA C 232 9.12 -16.77 -25.83
N TYR C 233 8.12 -17.46 -25.31
CA TYR C 233 7.97 -17.68 -23.88
C TYR C 233 9.16 -18.44 -23.29
N GLN C 234 9.73 -19.37 -24.05
CA GLN C 234 10.90 -20.10 -23.58
C GLN C 234 12.09 -19.17 -23.42
N LEU C 235 12.25 -18.25 -24.37
CA LEU C 235 13.33 -17.27 -24.28
C LEU C 235 13.02 -16.28 -23.17
N GLN C 236 11.75 -16.18 -22.79
CA GLN C 236 11.41 -15.37 -21.62
C GLN C 236 11.82 -16.14 -20.36
N HIS C 237 11.61 -17.46 -20.33
CA HIS C 237 12.08 -18.26 -19.19
C HIS C 237 13.58 -18.01 -18.99
N ASP C 238 14.34 -18.19 -20.07
CA ASP C 238 15.78 -18.01 -20.01
C ASP C 238 16.17 -16.62 -19.55
N SER C 239 15.55 -15.60 -20.13
CA SER C 239 15.89 -14.22 -19.80
C SER C 239 15.50 -13.86 -18.37
N ASN C 240 14.43 -14.46 -17.87
CA ASN C 240 14.04 -14.19 -16.51
C ASN C 240 14.98 -14.84 -15.49
N ASP C 241 15.61 -15.95 -15.85
CA ASP C 241 16.70 -16.46 -15.01
C ASP C 241 17.74 -15.38 -14.83
N ILE C 242 18.12 -14.77 -15.94
CA ILE C 242 19.12 -13.73 -15.94
C ILE C 242 18.66 -12.50 -15.12
N ILE C 243 17.42 -12.06 -15.37
CA ILE C 243 16.88 -10.86 -14.74
C ILE C 243 16.76 -11.06 -13.23
N GLU C 244 16.11 -12.14 -12.83
CA GLU C 244 16.00 -12.53 -11.42
C GLU C 244 17.35 -12.56 -10.73
N THR C 245 18.35 -13.13 -11.41
CA THR C 245 19.69 -13.20 -10.83
C THR C 245 20.32 -11.81 -10.64
N VAL C 246 20.33 -10.95 -11.66
CA VAL C 246 20.99 -9.65 -11.47
C VAL C 246 20.22 -8.77 -10.47
N LEU C 247 18.90 -8.91 -10.38
CA LEU C 247 18.16 -8.16 -9.37
C LEU C 247 18.63 -8.56 -7.98
N SER C 248 18.99 -9.83 -7.81
CA SER C 248 19.30 -10.32 -6.47
C SER C 248 20.70 -9.90 -6.03
N MET C 249 21.55 -9.50 -6.97
CA MET C 249 22.91 -9.09 -6.66
C MET C 249 23.10 -7.57 -6.69
N GLY C 250 22.03 -6.83 -6.98
CA GLY C 250 22.15 -5.39 -7.22
C GLY C 250 22.29 -5.11 -8.71
N ILE C 251 21.19 -4.76 -9.37
CA ILE C 251 21.10 -4.87 -10.84
C ILE C 251 22.09 -4.01 -11.62
N TYR C 252 22.24 -2.73 -11.28
CA TYR C 252 23.13 -1.90 -12.09
C TYR C 252 24.60 -2.27 -11.89
N PRO C 253 25.07 -2.39 -10.62
CA PRO C 253 26.45 -2.85 -10.44
C PRO C 253 26.71 -4.23 -11.09
N THR C 254 25.74 -5.13 -11.00
CA THR C 254 25.87 -6.49 -11.55
C THR C 254 25.85 -6.52 -13.08
N LEU C 255 24.89 -5.81 -13.68
CA LEU C 255 24.87 -5.66 -15.14
C LEU C 255 26.21 -5.15 -15.65
N LYS C 256 26.75 -4.14 -14.97
CA LYS C 256 28.04 -3.58 -15.36
C LYS C 256 29.19 -4.58 -15.18
N GLU C 257 29.07 -5.48 -14.20
CA GLU C 257 30.07 -6.52 -13.97
C GLU C 257 30.10 -7.50 -15.12
N ILE C 258 28.90 -7.88 -15.58
CA ILE C 258 28.75 -8.69 -16.78
C ILE C 258 29.41 -8.02 -17.98
N LEU C 259 29.33 -6.70 -18.06
CA LEU C 259 29.95 -5.97 -19.17
C LEU C 259 31.47 -5.97 -19.08
N ARG C 260 32.01 -5.86 -17.86
CA ARG C 260 33.45 -5.87 -17.67
C ARG C 260 34.06 -7.21 -18.14
N HIS C 261 33.32 -8.29 -17.96
CA HIS C 261 33.71 -9.61 -18.44
C HIS C 261 34.03 -9.57 -19.96
N ARG C 262 33.26 -8.78 -20.70
CA ARG C 262 33.52 -8.54 -22.12
C ARG C 262 34.69 -7.60 -22.36
N GLY C 263 35.33 -7.14 -21.29
CA GLY C 263 36.48 -6.28 -21.43
C GLY C 263 36.17 -4.80 -21.50
N ILE C 264 34.90 -4.46 -21.33
CA ILE C 264 34.47 -3.06 -21.20
C ILE C 264 34.91 -2.48 -19.85
N ASP C 265 35.67 -1.39 -19.85
CA ASP C 265 36.03 -0.72 -18.60
C ASP C 265 34.80 -0.12 -17.91
N ALA C 266 34.08 -0.95 -17.14
CA ALA C 266 32.75 -0.58 -16.67
C ALA C 266 32.71 0.08 -15.28
N GLY C 267 33.88 0.30 -14.68
CA GLY C 267 33.98 1.06 -13.44
C GLY C 267 32.99 0.75 -12.32
N LEU C 268 32.68 1.79 -11.55
CA LEU C 268 31.93 1.64 -10.29
C LEU C 268 30.55 2.28 -10.32
N PRO C 269 29.67 1.85 -9.39
CA PRO C 269 28.44 2.62 -9.16
C PRO C 269 28.77 3.94 -8.51
N LYS C 270 27.92 4.94 -8.69
CA LYS C 270 28.06 6.21 -8.00
C LYS C 270 27.46 6.08 -6.61
N ARG C 271 28.24 6.39 -5.59
CA ARG C 271 27.70 6.36 -4.24
C ARG C 271 26.50 7.31 -4.13
N PRO C 272 25.51 6.98 -3.30
CA PRO C 272 25.52 5.91 -2.30
C PRO C 272 25.15 4.50 -2.78
N PHE C 273 25.12 4.23 -4.09
CA PHE C 273 25.12 2.84 -4.57
C PHE C 273 26.44 2.19 -4.19
N LYS C 274 26.39 0.94 -3.72
CA LYS C 274 27.61 0.22 -3.35
C LYS C 274 28.15 -0.66 -4.48
N PRO C 275 29.47 -0.89 -4.49
CA PRO C 275 30.07 -1.71 -5.54
C PRO C 275 29.55 -3.13 -5.46
N PHE C 276 29.64 -3.86 -6.57
CA PHE C 276 29.30 -5.28 -6.61
C PHE C 276 30.02 -6.07 -5.50
N ASN C 277 29.24 -6.81 -4.72
CA ASN C 277 29.74 -7.63 -3.63
C ASN C 277 30.41 -8.91 -4.15
N GLU C 278 31.70 -9.05 -3.92
CA GLU C 278 32.44 -10.20 -4.47
C GLU C 278 31.98 -11.56 -3.96
N ALA C 279 31.17 -11.57 -2.89
CA ALA C 279 30.52 -12.81 -2.48
C ALA C 279 29.50 -13.35 -3.52
N HIS C 280 29.07 -12.52 -4.47
CA HIS C 280 28.16 -12.99 -5.51
C HIS C 280 28.90 -13.42 -6.77
N ARG C 281 30.22 -13.32 -6.75
CA ARG C 281 31.06 -13.45 -7.94
C ARG C 281 30.88 -14.82 -8.61
N GLN C 282 30.91 -15.86 -7.80
CA GLN C 282 30.86 -17.21 -8.31
C GLN C 282 29.50 -17.49 -8.95
N THR C 283 28.42 -17.07 -8.29
CA THR C 283 27.08 -17.24 -8.82
C THR C 283 26.91 -16.46 -10.13
N LEU C 284 27.56 -15.32 -10.25
CA LEU C 284 27.45 -14.50 -11.46
C LEU C 284 28.23 -15.10 -12.63
N ASP C 285 29.44 -15.58 -12.32
CA ASP C 285 30.26 -16.32 -13.29
C ASP C 285 29.51 -17.55 -13.86
N GLN C 286 28.72 -18.20 -13.01
CA GLN C 286 27.95 -19.36 -13.44
C GLN C 286 26.77 -18.95 -14.30
N LEU C 287 26.16 -17.82 -13.96
CA LEU C 287 25.10 -17.23 -14.79
C LEU C 287 25.67 -16.88 -16.16
N ILE C 288 26.79 -16.16 -16.15
CA ILE C 288 27.49 -15.78 -17.38
C ILE C 288 27.77 -17.00 -18.27
N ALA C 289 28.27 -18.08 -17.67
CA ALA C 289 28.58 -19.31 -18.40
C ALA C 289 27.32 -20.04 -18.89
N LYS C 290 26.31 -20.18 -18.04
CA LYS C 290 25.09 -20.86 -18.46
C LYS C 290 24.41 -20.19 -19.67
N TYR C 291 24.53 -18.87 -19.79
CA TYR C 291 23.76 -18.17 -20.82
C TYR C 291 24.67 -17.41 -21.80
N ASP C 292 25.98 -17.63 -21.70
CA ASP C 292 26.92 -17.06 -22.66
C ASP C 292 26.81 -15.52 -22.73
N LEU C 293 27.02 -14.85 -21.59
CA LEU C 293 26.91 -13.39 -21.49
C LEU C 293 28.28 -12.72 -21.59
N ASN D 2 -11.74 -38.59 -10.82
CA ASN D 2 -10.42 -38.87 -11.38
C ASN D 2 -10.24 -38.32 -12.80
N LYS D 3 -10.62 -37.06 -13.03
CA LYS D 3 -10.53 -36.49 -14.38
C LYS D 3 -9.63 -35.24 -14.52
N ASP D 4 -9.44 -34.84 -15.78
CA ASP D 4 -8.57 -33.76 -16.19
C ASP D 4 -9.15 -32.41 -15.76
N LEU D 5 -8.29 -31.44 -15.47
CA LEU D 5 -8.80 -30.17 -14.96
C LEU D 5 -8.43 -28.95 -15.79
N LYS D 6 -7.73 -29.14 -16.91
CA LYS D 6 -7.51 -28.03 -17.82
C LYS D 6 -8.86 -27.50 -18.30
N GLY D 7 -8.88 -26.25 -18.76
CA GLY D 7 -10.09 -25.66 -19.31
C GLY D 7 -10.63 -24.34 -18.72
N LEU D 8 -11.71 -23.87 -19.34
CA LEU D 8 -12.35 -22.63 -18.92
C LEU D 8 -13.54 -22.91 -18.01
N TYR D 9 -13.57 -22.21 -16.87
CA TYR D 9 -14.64 -22.40 -15.89
C TYR D 9 -15.46 -21.13 -15.69
N ALA D 10 -16.74 -21.32 -15.46
CA ALA D 10 -17.56 -20.24 -14.97
C ALA D 10 -17.47 -20.30 -13.46
N ALA D 11 -17.21 -19.17 -12.84
CA ALA D 11 -17.36 -19.07 -11.41
C ALA D 11 -18.85 -18.83 -11.17
N LEU D 12 -19.55 -19.85 -10.68
CA LEU D 12 -21.00 -19.85 -10.62
C LEU D 12 -21.61 -18.66 -9.88
N LEU D 13 -22.36 -17.85 -10.61
CA LEU D 13 -23.21 -16.80 -10.03
C LEU D 13 -24.45 -17.41 -9.37
N VAL D 14 -24.97 -16.78 -8.32
CA VAL D 14 -26.11 -17.35 -7.60
C VAL D 14 -27.21 -16.33 -7.35
N PRO D 15 -28.46 -16.70 -7.73
CA PRO D 15 -29.66 -15.87 -7.54
C PRO D 15 -30.31 -16.02 -6.15
N PHE D 16 -30.63 -14.90 -5.49
CA PHE D 16 -31.33 -14.95 -4.20
C PHE D 16 -32.68 -14.21 -4.19
N ASP D 17 -33.52 -14.54 -3.21
CA ASP D 17 -34.78 -13.83 -3.01
C ASP D 17 -34.54 -12.59 -2.16
N GLU D 18 -35.61 -12.05 -1.58
CA GLU D 18 -35.50 -10.83 -0.76
C GLU D 18 -34.93 -11.11 0.64
N ASN D 19 -35.13 -12.34 1.12
CA ASN D 19 -34.62 -12.73 2.43
C ASN D 19 -33.24 -13.38 2.33
N GLY D 20 -32.61 -13.23 1.17
CA GLY D 20 -31.31 -13.78 0.92
C GLY D 20 -31.27 -15.29 0.91
N GLN D 21 -32.36 -15.93 0.47
CA GLN D 21 -32.37 -17.37 0.27
C GLN D 21 -32.11 -17.73 -1.19
N VAL D 22 -31.38 -18.81 -1.42
CA VAL D 22 -31.05 -19.23 -2.78
C VAL D 22 -32.28 -19.47 -3.64
N ASN D 23 -32.31 -18.85 -4.81
CA ASN D 23 -33.33 -19.16 -5.80
C ASN D 23 -32.95 -20.46 -6.49
N GLU D 24 -33.45 -21.57 -5.96
CA GLU D 24 -33.06 -22.90 -6.44
C GLU D 24 -33.18 -23.05 -7.93
N GLN D 25 -34.35 -22.76 -8.46
CA GLN D 25 -34.58 -22.99 -9.89
C GLN D 25 -33.78 -22.01 -10.75
N GLY D 26 -33.60 -20.79 -10.25
CA GLY D 26 -32.81 -19.79 -10.96
C GLY D 26 -31.34 -20.21 -11.07
N LEU D 27 -30.84 -20.88 -10.04
CA LEU D 27 -29.45 -21.32 -10.04
C LEU D 27 -29.23 -22.36 -11.15
N LYS D 28 -30.09 -23.38 -11.17
CA LYS D 28 -30.08 -24.43 -12.19
C LYS D 28 -29.86 -23.87 -13.59
N GLN D 29 -30.54 -22.78 -13.88
CA GLN D 29 -30.48 -22.16 -15.18
C GLN D 29 -29.12 -21.55 -15.45
N ILE D 30 -28.62 -20.77 -14.49
CA ILE D 30 -27.34 -20.08 -14.63
C ILE D 30 -26.25 -21.11 -14.86
N ALA D 31 -26.36 -22.22 -14.14
CA ALA D 31 -25.47 -23.35 -14.31
C ALA D 31 -25.49 -23.80 -15.75
N GLN D 32 -26.70 -24.05 -16.25
CA GLN D 32 -26.84 -24.56 -17.59
C GLN D 32 -26.45 -23.50 -18.61
N ASN D 33 -26.76 -22.23 -18.35
CA ASN D 33 -26.33 -21.17 -19.27
C ASN D 33 -24.82 -21.19 -19.46
N ALA D 34 -24.10 -21.48 -18.37
CA ALA D 34 -22.64 -21.59 -18.41
C ALA D 34 -22.21 -22.75 -19.30
N ILE D 35 -22.82 -23.91 -19.13
CA ILE D 35 -22.37 -25.10 -19.87
C ILE D 35 -22.87 -25.14 -21.33
N GLU D 36 -24.17 -24.93 -21.53
CA GLU D 36 -24.76 -25.11 -22.86
C GLU D 36 -24.57 -23.88 -23.77
N THR D 37 -24.96 -22.70 -23.30
CA THR D 37 -24.89 -21.49 -24.15
C THR D 37 -23.49 -20.88 -24.27
N GLU D 38 -22.73 -20.94 -23.18
CA GLU D 38 -21.39 -20.35 -23.16
C GLU D 38 -20.31 -21.40 -23.43
N GLU D 39 -20.70 -22.66 -23.26
CA GLU D 39 -19.92 -23.85 -23.61
C GLU D 39 -18.58 -23.89 -22.90
N LEU D 40 -18.67 -23.95 -21.59
CA LEU D 40 -17.50 -23.90 -20.75
C LEU D 40 -17.19 -25.30 -20.29
N ASP D 41 -15.91 -25.59 -20.11
CA ASP D 41 -15.45 -26.92 -19.77
C ASP D 41 -15.94 -27.33 -18.38
N GLY D 42 -16.23 -26.34 -17.53
CA GLY D 42 -16.73 -26.63 -16.18
C GLY D 42 -17.24 -25.50 -15.29
N LEU D 43 -17.55 -25.85 -14.05
CA LEU D 43 -18.09 -24.91 -13.08
C LEU D 43 -17.19 -24.77 -11.84
N TYR D 44 -16.84 -23.53 -11.51
CA TYR D 44 -16.22 -23.21 -10.22
C TYR D 44 -17.31 -22.81 -9.23
N VAL D 45 -17.58 -23.64 -8.23
CA VAL D 45 -18.76 -23.44 -7.39
C VAL D 45 -18.45 -22.93 -5.97
N ASN D 46 -19.24 -21.96 -5.52
CA ASN D 46 -19.08 -21.36 -4.20
C ASN D 46 -17.77 -20.62 -4.00
N GLY D 47 -17.22 -20.08 -5.08
CA GLY D 47 -16.12 -19.16 -4.98
C GLY D 47 -16.65 -17.78 -4.58
N SER D 48 -15.85 -16.76 -4.81
CA SER D 48 -16.25 -15.43 -4.38
C SER D 48 -17.39 -14.93 -5.27
N SER D 49 -17.38 -15.34 -6.54
CA SER D 49 -18.40 -14.89 -7.51
C SER D 49 -19.78 -15.39 -7.15
N GLY D 50 -19.85 -16.50 -6.42
CA GLY D 50 -21.13 -17.02 -5.96
C GLY D 50 -21.63 -16.37 -4.69
N GLU D 51 -21.01 -15.26 -4.28
CA GLU D 51 -21.33 -14.59 -3.02
C GLU D 51 -21.23 -15.52 -1.80
N ASN D 52 -20.40 -16.56 -1.97
CA ASN D 52 -20.28 -17.65 -1.02
C ASN D 52 -20.00 -17.26 0.45
N PHE D 53 -19.25 -16.18 0.68
CA PHE D 53 -18.87 -15.85 2.05
C PHE D 53 -19.96 -15.05 2.78
N LEU D 54 -21.09 -14.87 2.11
CA LEU D 54 -22.27 -14.23 2.72
C LEU D 54 -23.25 -15.28 3.22
N LEU D 55 -22.92 -16.55 3.01
CA LEU D 55 -23.84 -17.65 3.25
C LEU D 55 -23.55 -18.43 4.52
N ASN D 56 -24.55 -19.15 5.01
CA ASN D 56 -24.32 -20.14 6.06
C ASN D 56 -24.01 -21.50 5.45
N THR D 57 -23.70 -22.47 6.29
CA THR D 57 -23.22 -23.75 5.80
C THR D 57 -24.25 -24.45 4.93
N GLU D 58 -25.50 -24.45 5.40
CA GLU D 58 -26.58 -25.14 4.69
C GLU D 58 -26.83 -24.56 3.28
N GLN D 59 -26.78 -23.24 3.16
CA GLN D 59 -26.88 -22.64 1.82
C GLN D 59 -25.74 -23.10 0.93
N LYS D 60 -24.55 -23.23 1.52
CA LYS D 60 -23.36 -23.68 0.79
C LYS D 60 -23.52 -25.12 0.29
N LYS D 61 -23.99 -26.03 1.15
CA LYS D 61 -24.27 -27.39 0.71
C LYS D 61 -25.33 -27.36 -0.40
N GLN D 62 -26.38 -26.59 -0.17
CA GLN D 62 -27.48 -26.41 -1.11
C GLN D 62 -26.99 -26.03 -2.50
N VAL D 63 -26.15 -25.00 -2.59
CA VAL D 63 -25.61 -24.57 -3.89
C VAL D 63 -24.77 -25.69 -4.51
N PHE D 64 -24.11 -26.48 -3.67
CA PHE D 64 -23.28 -27.58 -4.16
C PHE D 64 -24.15 -28.65 -4.84
N LYS D 65 -25.14 -29.18 -4.14
CA LYS D 65 -26.03 -30.17 -4.75
C LYS D 65 -26.73 -29.62 -6.01
N VAL D 66 -27.36 -28.46 -5.93
CA VAL D 66 -28.13 -27.93 -7.08
C VAL D 66 -27.28 -27.70 -8.33
N ALA D 67 -26.06 -27.21 -8.15
CA ALA D 67 -25.14 -27.01 -9.27
C ALA D 67 -24.75 -28.34 -9.93
N LYS D 68 -24.69 -29.41 -9.14
CA LYS D 68 -24.23 -30.69 -9.65
C LYS D 68 -25.36 -31.39 -10.42
N GLU D 69 -26.54 -31.39 -9.81
CA GLU D 69 -27.71 -31.97 -10.42
C GLU D 69 -28.16 -31.16 -11.62
N ALA D 70 -27.54 -30.00 -11.81
CA ALA D 70 -27.89 -29.11 -12.92
C ALA D 70 -27.18 -29.49 -14.22
N VAL D 71 -26.07 -30.21 -14.11
CA VAL D 71 -25.19 -30.43 -15.26
C VAL D 71 -24.85 -31.88 -15.55
N GLY D 72 -24.41 -32.13 -16.79
CA GLY D 72 -23.93 -33.44 -17.18
C GLY D 72 -22.61 -33.80 -16.55
N ASP D 73 -22.10 -35.00 -16.85
CA ASP D 73 -20.86 -35.46 -16.24
C ASP D 73 -19.63 -35.14 -17.09
N LYS D 74 -19.87 -34.88 -18.37
CA LYS D 74 -18.92 -34.17 -19.23
C LYS D 74 -18.26 -32.96 -18.52
N VAL D 75 -18.98 -32.42 -17.54
CA VAL D 75 -18.65 -31.14 -16.92
C VAL D 75 -17.72 -31.28 -15.70
N LYS D 76 -16.56 -30.63 -15.78
CA LYS D 76 -15.66 -30.58 -14.63
C LYS D 76 -16.24 -29.68 -13.53
N LEU D 77 -16.18 -30.18 -12.29
CA LEU D 77 -16.71 -29.48 -11.11
C LEU D 77 -15.65 -29.28 -10.02
N ILE D 78 -15.29 -28.02 -9.75
CA ILE D 78 -14.39 -27.69 -8.65
C ILE D 78 -15.19 -27.04 -7.51
N ALA D 79 -14.99 -27.51 -6.29
CA ALA D 79 -15.76 -27.03 -5.15
C ALA D 79 -14.92 -26.13 -4.22
N GLN D 80 -15.14 -24.81 -4.28
CA GLN D 80 -14.50 -23.89 -3.32
C GLN D 80 -15.14 -24.03 -1.96
N VAL D 81 -14.30 -24.38 -1.00
CA VAL D 81 -14.74 -24.93 0.25
C VAL D 81 -14.07 -24.18 1.40
N GLY D 82 -13.07 -23.36 1.06
CA GLY D 82 -12.34 -22.62 2.06
C GLY D 82 -13.19 -21.66 2.86
N SER D 83 -12.95 -21.62 4.16
CA SER D 83 -13.64 -20.74 5.09
C SER D 83 -12.75 -20.44 6.32
N LEU D 84 -13.04 -19.37 7.05
CA LEU D 84 -12.26 -19.08 8.24
C LEU D 84 -12.53 -20.13 9.32
N ASP D 85 -13.66 -20.80 9.20
CA ASP D 85 -14.01 -21.89 10.09
C ASP D 85 -13.45 -23.19 9.53
N LEU D 86 -12.33 -23.66 10.10
CA LEU D 86 -11.62 -24.84 9.56
C LEU D 86 -12.53 -26.08 9.61
N ASN D 87 -13.26 -26.23 10.70
CA ASN D 87 -14.29 -27.26 10.81
C ASN D 87 -15.33 -27.18 9.69
N GLU D 88 -15.76 -25.97 9.36
CA GLU D 88 -16.78 -25.81 8.32
C GLU D 88 -16.21 -26.18 6.97
N ALA D 89 -14.93 -25.88 6.76
CA ALA D 89 -14.31 -26.14 5.48
C ALA D 89 -14.20 -27.64 5.30
N ILE D 90 -13.86 -28.35 6.37
CA ILE D 90 -13.74 -29.81 6.31
C ILE D 90 -15.11 -30.43 6.06
N GLU D 91 -16.14 -29.88 6.71
CA GLU D 91 -17.49 -30.39 6.56
C GLU D 91 -17.98 -30.19 5.13
N LEU D 92 -17.72 -29.01 4.58
CA LEU D 92 -18.06 -28.74 3.20
C LEU D 92 -17.17 -29.56 2.29
N GLY D 93 -15.97 -29.84 2.75
CA GLY D 93 -14.99 -30.54 1.94
C GLY D 93 -15.40 -31.97 1.68
N LYS D 94 -15.73 -32.68 2.76
CA LYS D 94 -16.22 -34.05 2.64
C LYS D 94 -17.49 -34.07 1.80
N TYR D 95 -18.43 -33.19 2.16
CA TYR D 95 -19.72 -33.13 1.50
C TYR D 95 -19.63 -32.91 -0.01
N ALA D 96 -18.71 -32.03 -0.43
CA ALA D 96 -18.54 -31.78 -1.85
C ALA D 96 -17.87 -32.96 -2.54
N THR D 97 -17.02 -33.66 -1.79
CA THR D 97 -16.28 -34.80 -2.31
C THR D 97 -17.22 -35.97 -2.57
N GLU D 98 -18.03 -36.30 -1.56
CA GLU D 98 -19.07 -37.33 -1.67
C GLU D 98 -20.06 -37.06 -2.81
N LEU D 99 -20.36 -35.79 -3.07
CA LEU D 99 -21.24 -35.43 -4.18
C LEU D 99 -20.57 -35.66 -5.51
N GLY D 100 -19.25 -35.77 -5.50
CA GLY D 100 -18.53 -36.11 -6.71
C GLY D 100 -17.83 -34.95 -7.39
N TYR D 101 -17.53 -33.89 -6.64
CA TYR D 101 -16.77 -32.78 -7.19
C TYR D 101 -15.34 -33.27 -7.48
N ASP D 102 -14.81 -32.91 -8.65
CA ASP D 102 -13.53 -33.47 -9.11
C ASP D 102 -12.32 -33.08 -8.25
N ALA D 103 -12.24 -31.79 -7.90
CA ALA D 103 -11.25 -31.29 -6.94
C ALA D 103 -11.88 -30.29 -5.95
N LEU D 104 -11.26 -30.19 -4.77
CA LEU D 104 -11.58 -29.14 -3.84
C LEU D 104 -10.70 -27.91 -4.11
N SER D 105 -11.02 -26.82 -3.43
CA SER D 105 -10.28 -25.57 -3.55
C SER D 105 -10.59 -24.74 -2.33
N ALA D 106 -9.61 -23.99 -1.81
CA ALA D 106 -9.83 -23.23 -0.55
C ALA D 106 -9.11 -21.89 -0.52
N VAL D 107 -9.87 -20.82 -0.32
CA VAL D 107 -9.27 -19.50 -0.11
C VAL D 107 -8.26 -19.50 1.06
N THR D 108 -7.17 -18.77 0.84
CA THR D 108 -6.23 -18.35 1.88
C THR D 108 -6.95 -17.88 3.13
N PRO D 109 -6.62 -18.45 4.28
CA PRO D 109 -7.31 -17.94 5.47
C PRO D 109 -7.02 -16.45 5.66
N PHE D 110 -8.05 -15.62 5.65
CA PHE D 110 -7.87 -14.18 5.72
C PHE D 110 -8.31 -13.59 7.05
N TYR D 111 -8.58 -12.28 7.01
CA TYR D 111 -8.91 -11.44 8.15
C TYR D 111 -7.73 -11.31 9.13
N TYR D 112 -7.27 -12.41 9.73
CA TYR D 112 -6.16 -12.30 10.65
C TYR D 112 -4.86 -12.44 9.93
N PRO D 113 -3.76 -11.95 10.53
CA PRO D 113 -2.42 -12.15 9.95
C PRO D 113 -1.89 -13.55 10.22
N PHE D 114 -2.43 -14.54 9.52
CA PHE D 114 -1.95 -15.91 9.66
C PHE D 114 -0.50 -16.03 9.17
N THR D 115 0.31 -16.75 9.93
CA THR D 115 1.66 -17.13 9.49
C THR D 115 1.60 -18.10 8.32
N PHE D 116 2.73 -18.28 7.63
CA PHE D 116 2.72 -19.23 6.53
C PHE D 116 2.54 -20.67 7.01
N GLU D 117 3.05 -21.03 8.19
CA GLU D 117 2.88 -22.41 8.64
C GLU D 117 1.41 -22.66 9.00
N GLU D 118 0.72 -21.65 9.54
CA GLU D 118 -0.71 -21.79 9.80
C GLU D 118 -1.49 -21.92 8.50
N ILE D 119 -1.11 -21.15 7.49
CA ILE D 119 -1.75 -21.27 6.18
C ILE D 119 -1.47 -22.64 5.56
N ARG D 120 -0.26 -23.14 5.75
CA ARG D 120 0.11 -24.42 5.15
C ARG D 120 -0.68 -25.56 5.79
N ASP D 121 -0.85 -25.51 7.10
CA ASP D 121 -1.49 -26.62 7.79
C ASP D 121 -3.02 -26.50 7.80
N TYR D 122 -3.51 -25.37 7.33
CA TYR D 122 -4.92 -25.22 7.02
C TYR D 122 -5.25 -26.09 5.79
N TYR D 123 -4.43 -25.97 4.75
CA TYR D 123 -4.58 -26.82 3.59
C TYR D 123 -4.37 -28.30 3.89
N PHE D 124 -3.32 -28.61 4.65
CA PHE D 124 -2.96 -29.99 4.92
C PHE D 124 -4.04 -30.69 5.77
N ASP D 125 -4.70 -29.92 6.63
CA ASP D 125 -5.75 -30.45 7.49
C ASP D 125 -6.97 -30.82 6.65
N ILE D 126 -7.33 -29.95 5.71
CA ILE D 126 -8.46 -30.20 4.82
C ILE D 126 -8.22 -31.39 3.88
N ILE D 127 -7.05 -31.44 3.28
CA ILE D 127 -6.65 -32.56 2.44
C ILE D 127 -6.73 -33.87 3.23
N GLU D 128 -6.25 -33.83 4.47
CA GLU D 128 -6.18 -35.03 5.28
C GLU D 128 -7.57 -35.58 5.54
N ALA D 129 -8.51 -34.72 5.89
CA ALA D 129 -9.86 -35.13 6.25
C ALA D 129 -10.75 -35.46 5.06
N THR D 130 -10.39 -34.98 3.86
CA THR D 130 -11.21 -35.21 2.67
C THR D 130 -10.59 -36.14 1.63
N GLN D 131 -9.27 -36.33 1.68
CA GLN D 131 -8.54 -37.12 0.69
C GLN D 131 -8.93 -36.81 -0.75
N ASN D 132 -8.99 -35.52 -1.07
CA ASN D 132 -9.39 -35.05 -2.39
C ASN D 132 -8.34 -34.07 -2.90
N ASN D 133 -8.18 -33.97 -4.22
CA ASN D 133 -7.19 -33.05 -4.76
C ASN D 133 -7.54 -31.61 -4.41
N MET D 134 -6.52 -30.81 -4.12
CA MET D 134 -6.75 -29.46 -3.64
C MET D 134 -6.08 -28.42 -4.53
N ILE D 135 -6.81 -27.36 -4.84
CA ILE D 135 -6.29 -26.21 -5.58
C ILE D 135 -6.19 -24.96 -4.67
N ILE D 136 -4.97 -24.46 -4.48
CA ILE D 136 -4.70 -23.33 -3.60
C ILE D 136 -4.85 -21.97 -4.30
N TYR D 137 -4.97 -20.90 -3.52
CA TYR D 137 -5.04 -19.51 -4.03
C TYR D 137 -3.71 -18.73 -4.12
N ALA D 138 -3.66 -17.75 -5.01
CA ALA D 138 -2.55 -16.79 -5.07
C ALA D 138 -2.93 -15.59 -5.96
N ILE D 147 2.39 -14.98 -1.10
CA ILE D 147 2.94 -16.33 -1.12
C ILE D 147 4.17 -16.42 -2.06
N SER D 148 5.31 -16.87 -1.53
CA SER D 148 6.58 -16.87 -2.29
C SER D 148 6.80 -18.16 -3.07
N ILE D 149 7.86 -18.19 -3.89
CA ILE D 149 8.20 -19.39 -4.65
C ILE D 149 8.72 -20.50 -3.75
N GLU D 150 9.56 -20.17 -2.79
CA GLU D 150 10.01 -21.14 -1.80
C GLU D 150 8.83 -21.76 -1.08
N GLN D 151 7.84 -20.94 -0.78
CA GLN D 151 6.63 -21.42 -0.10
C GLN D 151 5.78 -22.26 -1.02
N PHE D 152 5.63 -21.81 -2.27
CA PHE D 152 4.98 -22.65 -3.28
C PHE D 152 5.67 -24.02 -3.36
N SER D 153 7.01 -24.03 -3.39
CA SER D 153 7.77 -25.28 -3.45
C SER D 153 7.38 -26.25 -2.34
N GLU D 154 7.30 -25.71 -1.13
CA GLU D 154 6.88 -26.47 0.03
C GLU D 154 5.42 -26.95 -0.09
N LEU D 155 4.52 -26.07 -0.53
CA LEU D 155 3.13 -26.47 -0.71
C LEU D 155 2.96 -27.48 -1.84
N PHE D 156 3.66 -27.29 -2.95
CA PHE D 156 3.49 -28.17 -4.09
C PHE D 156 4.18 -29.51 -3.83
N ASN D 157 4.94 -29.58 -2.74
CA ASN D 157 5.58 -30.82 -2.35
C ASN D 157 4.56 -31.85 -1.90
N HIS D 158 3.47 -31.38 -1.30
CA HIS D 158 2.36 -32.25 -0.94
C HIS D 158 1.66 -32.73 -2.21
N GLU D 159 1.37 -34.03 -2.28
CA GLU D 159 0.97 -34.63 -3.56
C GLU D 159 -0.46 -34.28 -3.98
N LYS D 160 -1.33 -34.13 -2.99
CA LYS D 160 -2.74 -33.87 -3.28
C LYS D 160 -3.02 -32.37 -3.46
N ILE D 161 -1.98 -31.54 -3.46
CA ILE D 161 -2.12 -30.15 -3.90
C ILE D 161 -1.75 -30.09 -5.37
N VAL D 162 -2.76 -30.05 -6.23
CA VAL D 162 -2.53 -30.23 -7.66
C VAL D 162 -2.36 -28.92 -8.41
N GLY D 163 -2.46 -27.80 -7.70
CA GLY D 163 -2.20 -26.54 -8.37
C GLY D 163 -2.85 -25.32 -7.76
N VAL D 164 -2.78 -24.21 -8.49
CA VAL D 164 -3.14 -22.92 -7.93
C VAL D 164 -4.05 -22.11 -8.84
N LYS D 165 -5.09 -21.53 -8.22
CA LYS D 165 -5.92 -20.53 -8.88
C LYS D 165 -5.24 -19.19 -8.67
N TYR D 166 -4.65 -18.67 -9.73
CA TYR D 166 -3.74 -17.54 -9.64
C TYR D 166 -4.39 -16.22 -10.06
N THR D 167 -4.63 -15.34 -9.06
CA THR D 167 -5.29 -14.05 -9.24
C THR D 167 -4.38 -12.81 -9.10
N ALA D 168 -3.15 -13.00 -8.64
CA ALA D 168 -2.23 -11.90 -8.49
C ALA D 168 -1.78 -11.36 -9.84
N PRO D 169 -1.84 -10.03 -10.03
CA PRO D 169 -1.50 -9.28 -11.26
C PRO D 169 -0.07 -9.46 -11.76
N ASN D 170 0.71 -10.29 -11.08
CA ASN D 170 2.13 -10.43 -11.33
C ASN D 170 2.46 -11.45 -12.42
N PHE D 171 3.01 -11.00 -13.54
CA PHE D 171 3.36 -11.90 -14.62
C PHE D 171 4.83 -12.37 -14.52
N PHE D 172 5.63 -11.66 -13.72
CA PHE D 172 6.94 -12.15 -13.34
C PHE D 172 6.75 -13.41 -12.49
N LEU D 173 6.04 -13.26 -11.39
CA LEU D 173 5.79 -14.40 -10.52
C LEU D 173 5.06 -15.55 -11.23
N LEU D 174 4.15 -15.24 -12.14
CA LEU D 174 3.39 -16.30 -12.83
C LEU D 174 4.33 -17.13 -13.70
N GLU D 175 5.17 -16.45 -14.47
CA GLU D 175 6.22 -17.08 -15.25
C GLU D 175 7.16 -17.95 -14.37
N ARG D 176 7.52 -17.49 -13.17
CA ARG D 176 8.41 -18.25 -12.28
C ARG D 176 7.74 -19.51 -11.80
N ILE D 177 6.44 -19.43 -11.51
CA ILE D 177 5.70 -20.59 -11.06
C ILE D 177 5.58 -21.58 -12.19
N ARG D 178 5.22 -21.07 -13.36
CA ARG D 178 5.02 -21.91 -14.52
C ARG D 178 6.30 -22.71 -14.74
N LYS D 179 7.44 -22.03 -14.85
CA LYS D 179 8.72 -22.73 -15.04
C LYS D 179 9.03 -23.70 -13.89
N ALA D 180 8.89 -23.22 -12.66
CA ALA D 180 9.36 -24.00 -11.52
C ALA D 180 8.47 -25.22 -11.26
N PHE D 181 7.22 -25.20 -11.74
CA PHE D 181 6.33 -26.35 -11.55
C PHE D 181 5.59 -26.72 -12.85
N PRO D 182 6.31 -27.30 -13.82
CA PRO D 182 5.71 -27.58 -15.13
C PRO D 182 4.59 -28.62 -15.08
N ASP D 183 4.39 -29.29 -13.95
CA ASP D 183 3.41 -30.38 -13.88
C ASP D 183 2.21 -30.10 -12.98
N LYS D 184 2.19 -28.91 -12.38
CA LYS D 184 1.05 -28.51 -11.58
C LYS D 184 0.11 -27.67 -12.44
N LEU D 185 -1.17 -27.64 -12.04
CA LEU D 185 -2.20 -26.93 -12.79
C LEU D 185 -2.24 -25.45 -12.36
N ILE D 186 -2.26 -24.56 -13.35
CA ILE D 186 -2.43 -23.14 -13.10
C ILE D 186 -3.65 -22.63 -13.87
N LEU D 187 -4.69 -22.29 -13.14
CA LEU D 187 -5.82 -21.59 -13.74
C LEU D 187 -5.75 -20.12 -13.37
N SER D 188 -5.77 -19.22 -14.35
CA SER D 188 -5.77 -17.81 -13.99
C SER D 188 -7.16 -17.31 -13.63
N GLY D 189 -7.21 -16.27 -12.82
CA GLY D 189 -8.46 -15.75 -12.30
C GLY D 189 -8.86 -14.39 -12.85
N PHE D 190 -8.00 -13.77 -13.64
CA PHE D 190 -8.26 -12.40 -14.12
C PHE D 190 -8.72 -12.37 -15.57
N ASP D 191 -10.05 -12.37 -15.75
CA ASP D 191 -10.70 -12.31 -17.04
C ASP D 191 -10.10 -11.27 -17.97
N GLU D 192 -9.81 -10.09 -17.44
CA GLU D 192 -9.42 -8.99 -18.31
C GLU D 192 -7.96 -9.12 -18.78
N MET D 193 -7.28 -10.19 -18.35
CA MET D 193 -5.91 -10.46 -18.81
C MET D 193 -5.72 -11.91 -19.26
N LEU D 194 -6.79 -12.51 -19.76
CA LEU D 194 -6.79 -13.91 -20.17
C LEU D 194 -5.76 -14.19 -21.26
N VAL D 195 -5.59 -13.24 -22.18
CA VAL D 195 -4.67 -13.46 -23.27
C VAL D 195 -3.23 -13.46 -22.78
N GLN D 196 -2.96 -12.71 -21.71
CA GLN D 196 -1.60 -12.67 -21.19
C GLN D 196 -1.30 -13.92 -20.35
N ALA D 197 -2.33 -14.44 -19.68
CA ALA D 197 -2.14 -15.65 -18.89
C ALA D 197 -1.98 -16.86 -19.79
N THR D 198 -2.69 -16.87 -20.91
CA THR D 198 -2.61 -17.96 -21.88
C THR D 198 -1.21 -18.14 -22.46
N ILE D 199 -0.61 -17.05 -22.93
CA ILE D 199 0.69 -17.17 -23.55
C ILE D 199 1.78 -17.29 -22.48
N SER D 200 1.36 -17.13 -21.22
CA SER D 200 2.22 -17.40 -20.06
C SER D 200 2.07 -18.87 -19.66
N GLY D 201 1.24 -19.59 -20.41
CA GLY D 201 1.14 -21.02 -20.29
C GLY D 201 0.25 -21.56 -19.19
N VAL D 202 -0.77 -20.79 -18.83
CA VAL D 202 -1.75 -21.31 -17.87
C VAL D 202 -2.44 -22.51 -18.51
N ASP D 203 -3.01 -23.36 -17.67
CA ASP D 203 -3.75 -24.54 -18.14
C ASP D 203 -5.26 -24.27 -18.23
N GLY D 204 -5.66 -23.02 -18.03
CA GLY D 204 -7.05 -22.67 -18.08
C GLY D 204 -7.38 -21.40 -17.31
N ALA D 205 -8.66 -21.21 -17.03
CA ALA D 205 -9.16 -19.99 -16.40
C ALA D 205 -10.51 -20.18 -15.72
N ILE D 206 -10.69 -19.42 -14.64
CA ILE D 206 -11.92 -19.36 -13.89
C ILE D 206 -12.33 -17.90 -13.96
N GLY D 207 -13.62 -17.65 -14.10
CA GLY D 207 -14.08 -16.29 -14.31
C GLY D 207 -15.55 -16.11 -13.99
N SER D 208 -15.90 -14.88 -13.62
CA SER D 208 -17.27 -14.50 -13.38
C SER D 208 -17.89 -14.08 -14.70
N THR D 209 -17.17 -13.27 -15.46
CA THR D 209 -17.68 -12.77 -16.74
C THR D 209 -17.81 -13.85 -17.83
N TYR D 210 -17.39 -15.08 -17.56
CA TYR D 210 -17.53 -16.16 -18.53
C TYR D 210 -18.98 -16.66 -18.52
N ASN D 211 -19.73 -16.28 -17.49
CA ASN D 211 -21.16 -16.60 -17.43
C ASN D 211 -21.88 -15.91 -18.58
N VAL D 212 -21.26 -14.85 -19.10
CA VAL D 212 -21.85 -13.97 -20.09
C VAL D 212 -21.03 -13.99 -21.38
N ASN D 213 -19.72 -14.19 -21.23
CA ASN D 213 -18.82 -14.00 -22.35
C ASN D 213 -17.88 -15.18 -22.63
N GLY D 214 -18.38 -16.39 -22.40
CA GLY D 214 -17.57 -17.61 -22.53
C GLY D 214 -17.00 -17.94 -23.90
N ARG D 215 -17.63 -17.45 -24.97
CA ARG D 215 -17.22 -17.84 -26.32
C ARG D 215 -16.12 -16.97 -26.89
N ARG D 216 -16.13 -15.68 -26.59
CA ARG D 216 -14.95 -14.87 -26.84
C ARG D 216 -13.80 -15.33 -25.94
N ALA D 217 -14.13 -15.88 -24.78
CA ALA D 217 -13.08 -16.30 -23.86
C ALA D 217 -12.33 -17.48 -24.45
N ARG D 218 -13.07 -18.52 -24.82
CA ARG D 218 -12.46 -19.71 -25.42
C ARG D 218 -11.71 -19.40 -26.71
N LYS D 219 -12.22 -18.46 -27.49
CA LYS D 219 -11.51 -18.09 -28.71
C LYS D 219 -10.22 -17.33 -28.39
N ILE D 220 -10.24 -16.52 -27.33
CA ILE D 220 -9.01 -15.90 -26.84
C ILE D 220 -8.00 -16.98 -26.50
N PHE D 221 -8.44 -17.97 -25.73
CA PHE D 221 -7.61 -19.07 -25.26
C PHE D 221 -6.98 -19.90 -26.41
N ASP D 222 -7.80 -20.32 -27.38
CA ASP D 222 -7.32 -21.15 -28.49
C ASP D 222 -6.44 -20.38 -29.48
N LEU D 223 -6.93 -19.23 -29.94
CA LEU D 223 -6.22 -18.42 -30.93
C LEU D 223 -4.83 -18.02 -30.48
N ALA D 224 -4.68 -17.79 -29.18
CA ALA D 224 -3.39 -17.38 -28.61
C ALA D 224 -2.43 -18.55 -28.65
N ARG D 225 -2.90 -19.72 -28.27
CA ARG D 225 -2.09 -20.92 -28.32
C ARG D 225 -1.68 -21.28 -29.76
N GLN D 226 -2.53 -20.97 -30.73
CA GLN D 226 -2.22 -21.23 -32.14
C GLN D 226 -1.42 -20.08 -32.76
N GLY D 227 -0.83 -19.24 -31.92
CA GLY D 227 -0.04 -18.12 -32.40
C GLY D 227 -0.82 -17.04 -33.15
N GLN D 228 -2.11 -17.26 -33.40
CA GLN D 228 -2.96 -16.23 -33.99
C GLN D 228 -3.26 -15.17 -32.92
N ILE D 229 -2.26 -14.35 -32.68
CA ILE D 229 -2.22 -13.64 -31.43
C ILE D 229 -2.87 -12.29 -31.58
N GLN D 230 -2.62 -11.62 -32.71
CA GLN D 230 -3.21 -10.32 -32.95
C GLN D 230 -4.73 -10.42 -33.00
N GLU D 231 -5.21 -11.60 -33.36
CA GLU D 231 -6.64 -11.85 -33.40
C GLU D 231 -7.16 -12.05 -31.99
N ALA D 232 -6.45 -12.85 -31.21
CA ALA D 232 -6.80 -13.14 -29.82
C ALA D 232 -6.91 -11.83 -29.02
N TYR D 233 -5.93 -10.95 -29.25
CA TYR D 233 -5.88 -9.65 -28.61
C TYR D 233 -7.11 -8.79 -28.91
N GLN D 234 -7.48 -8.72 -30.18
CA GLN D 234 -8.66 -7.97 -30.61
C GLN D 234 -9.88 -8.41 -29.79
N LEU D 235 -10.03 -9.71 -29.58
CA LEU D 235 -11.09 -10.25 -28.72
C LEU D 235 -10.96 -9.85 -27.23
N GLN D 236 -9.73 -9.64 -26.76
CA GLN D 236 -9.50 -9.23 -25.38
C GLN D 236 -9.90 -7.77 -25.24
N HIS D 237 -9.45 -7.03 -26.23
CA HIS D 237 -9.69 -5.61 -26.46
C HIS D 237 -11.15 -5.25 -26.47
N ASP D 238 -12.06 -6.23 -26.62
CA ASP D 238 -13.46 -5.89 -26.42
C ASP D 238 -14.21 -6.85 -25.49
N SER D 239 -13.52 -7.87 -25.00
CA SER D 239 -13.99 -8.53 -23.77
C SER D 239 -13.71 -7.60 -22.59
N ASN D 240 -12.72 -6.73 -22.77
CA ASN D 240 -12.36 -5.79 -21.74
C ASN D 240 -13.31 -4.58 -21.78
N ASP D 241 -13.86 -4.27 -22.95
CA ASP D 241 -15.01 -3.35 -23.02
C ASP D 241 -16.08 -3.85 -22.07
N ILE D 242 -16.44 -5.11 -22.23
CA ILE D 242 -17.50 -5.68 -21.43
C ILE D 242 -17.11 -5.66 -19.95
N ILE D 243 -15.88 -6.05 -19.66
CA ILE D 243 -15.47 -6.20 -18.27
C ILE D 243 -15.36 -4.83 -17.59
N GLU D 244 -14.70 -3.89 -18.24
CA GLU D 244 -14.60 -2.52 -17.72
C GLU D 244 -15.99 -2.00 -17.41
N THR D 245 -16.92 -2.17 -18.35
CA THR D 245 -18.31 -1.74 -18.17
C THR D 245 -19.00 -2.40 -16.99
N VAL D 246 -18.90 -3.72 -16.92
CA VAL D 246 -19.62 -4.47 -15.91
C VAL D 246 -19.05 -4.20 -14.50
N LEU D 247 -17.75 -3.92 -14.41
CA LEU D 247 -17.14 -3.60 -13.13
C LEU D 247 -17.64 -2.24 -12.62
N SER D 248 -17.77 -1.28 -13.53
CA SER D 248 -18.21 0.08 -13.17
C SER D 248 -19.67 0.14 -12.74
N MET D 249 -20.42 -0.93 -12.96
CA MET D 249 -21.83 -0.98 -12.60
C MET D 249 -22.11 -1.87 -11.39
N GLY D 250 -21.09 -2.57 -10.92
CA GLY D 250 -21.29 -3.60 -9.90
C GLY D 250 -21.36 -4.97 -10.54
N ILE D 251 -20.22 -5.67 -10.55
CA ILE D 251 -20.02 -6.83 -11.42
C ILE D 251 -21.05 -7.95 -11.21
N TYR D 252 -21.31 -8.41 -9.98
CA TYR D 252 -22.18 -9.59 -9.85
C TYR D 252 -23.68 -9.26 -10.11
N PRO D 253 -24.19 -8.13 -9.60
CA PRO D 253 -25.57 -7.90 -10.00
C PRO D 253 -25.72 -7.57 -11.51
N THR D 254 -24.79 -6.80 -12.10
CA THR D 254 -24.85 -6.46 -13.53
C THR D 254 -24.72 -7.69 -14.43
N LEU D 255 -23.87 -8.64 -14.03
CA LEU D 255 -23.70 -9.89 -14.75
C LEU D 255 -24.99 -10.69 -14.74
N LYS D 256 -25.64 -10.74 -13.58
CA LYS D 256 -26.90 -11.47 -13.44
C LYS D 256 -28.05 -10.69 -14.09
N GLU D 257 -27.83 -9.40 -14.33
CA GLU D 257 -28.77 -8.60 -15.11
C GLU D 257 -28.75 -9.06 -16.57
N ILE D 258 -27.54 -9.13 -17.13
CA ILE D 258 -27.30 -9.58 -18.50
C ILE D 258 -27.90 -10.97 -18.73
N LEU D 259 -27.99 -11.78 -17.68
CA LEU D 259 -28.60 -13.10 -17.81
C LEU D 259 -30.13 -13.05 -17.74
N ARG D 260 -30.67 -12.02 -17.11
CA ARG D 260 -32.12 -11.87 -17.05
C ARG D 260 -32.63 -11.60 -18.46
N HIS D 261 -31.85 -10.81 -19.19
CA HIS D 261 -32.08 -10.48 -20.60
C HIS D 261 -31.98 -11.70 -21.52
N ARG D 262 -32.01 -12.90 -20.93
CA ARG D 262 -31.95 -14.16 -21.66
C ARG D 262 -33.02 -15.11 -21.18
N GLY D 263 -33.83 -14.66 -20.23
CA GLY D 263 -34.89 -15.49 -19.69
C GLY D 263 -34.52 -16.27 -18.43
N ILE D 264 -33.36 -15.99 -17.87
CA ILE D 264 -32.98 -16.65 -16.63
C ILE D 264 -33.48 -15.85 -15.41
N ASP D 265 -34.08 -16.56 -14.46
CA ASP D 265 -34.57 -15.95 -13.22
C ASP D 265 -33.42 -15.64 -12.24
N ALA D 266 -32.74 -14.53 -12.49
CA ALA D 266 -31.49 -14.20 -11.80
C ALA D 266 -31.69 -13.58 -10.42
N GLY D 267 -32.95 -13.30 -10.08
CA GLY D 267 -33.30 -12.83 -8.76
C GLY D 267 -32.57 -11.59 -8.30
N LEU D 268 -32.14 -11.63 -7.04
CA LEU D 268 -31.49 -10.50 -6.37
C LEU D 268 -30.14 -10.94 -5.77
N PRO D 269 -29.23 -9.98 -5.56
CA PRO D 269 -28.03 -10.23 -4.74
C PRO D 269 -28.39 -10.49 -3.27
N LYS D 270 -27.51 -11.15 -2.55
CA LYS D 270 -27.69 -11.30 -1.10
C LYS D 270 -27.16 -10.05 -0.40
N ARG D 271 -28.00 -9.41 0.41
CA ARG D 271 -27.59 -8.23 1.15
C ARG D 271 -26.44 -8.62 2.08
N PRO D 272 -25.47 -7.71 2.30
CA PRO D 272 -25.43 -6.28 1.97
C PRO D 272 -25.11 -5.89 0.52
N PHE D 273 -24.89 -6.85 -0.38
CA PHE D 273 -24.86 -6.50 -1.79
C PHE D 273 -26.20 -5.86 -2.16
N LYS D 274 -26.15 -4.74 -2.90
CA LYS D 274 -27.36 -4.07 -3.37
C LYS D 274 -27.77 -4.49 -4.79
N PRO D 275 -29.08 -4.42 -5.09
CA PRO D 275 -29.55 -4.77 -6.44
C PRO D 275 -28.96 -3.83 -7.47
N PHE D 276 -28.93 -4.28 -8.71
CA PHE D 276 -28.47 -3.48 -9.83
C PHE D 276 -29.21 -2.15 -9.85
N ASN D 277 -28.46 -1.05 -9.98
CA ASN D 277 -29.09 0.26 -9.97
C ASN D 277 -29.54 0.73 -11.35
N GLU D 278 -30.84 1.01 -11.47
CA GLU D 278 -31.46 1.31 -12.75
C GLU D 278 -30.89 2.54 -13.48
N ALA D 279 -30.17 3.39 -12.76
CA ALA D 279 -29.51 4.53 -13.39
C ALA D 279 -28.41 4.10 -14.36
N HIS D 280 -28.07 2.80 -14.33
CA HIS D 280 -27.09 2.24 -15.24
C HIS D 280 -27.75 1.46 -16.37
N ARG D 281 -29.01 1.06 -16.14
CA ARG D 281 -29.73 0.09 -16.98
C ARG D 281 -29.55 0.22 -18.49
N GLN D 282 -29.22 1.42 -18.94
CA GLN D 282 -29.35 1.73 -20.35
C GLN D 282 -28.00 2.03 -21.01
N THR D 283 -26.97 2.19 -20.18
CA THR D 283 -25.62 2.04 -20.67
C THR D 283 -25.41 0.53 -20.78
N LEU D 284 -26.12 -0.22 -19.95
CA LEU D 284 -25.96 -1.67 -19.92
C LEU D 284 -26.45 -2.30 -21.20
N ASP D 285 -27.74 -2.21 -21.48
CA ASP D 285 -28.27 -2.92 -22.65
C ASP D 285 -27.80 -2.28 -23.96
N GLN D 286 -27.27 -1.06 -23.88
CA GLN D 286 -26.47 -0.50 -24.96
C GLN D 286 -25.26 -1.39 -25.28
N LEU D 287 -24.66 -1.96 -24.22
CA LEU D 287 -23.52 -2.86 -24.34
C LEU D 287 -23.97 -4.26 -24.72
N ILE D 288 -25.07 -4.71 -24.13
CA ILE D 288 -25.67 -6.00 -24.48
C ILE D 288 -25.96 -6.01 -25.98
N ALA D 289 -26.20 -4.81 -26.52
CA ALA D 289 -26.42 -4.59 -27.93
C ALA D 289 -25.12 -4.60 -28.74
N LYS D 290 -24.12 -3.85 -28.30
CA LYS D 290 -22.88 -3.72 -29.06
C LYS D 290 -22.15 -5.07 -29.21
N TYR D 291 -22.31 -5.95 -28.23
CA TYR D 291 -21.52 -7.18 -28.16
C TYR D 291 -22.42 -8.39 -28.08
N ASP D 292 -23.72 -8.17 -28.23
CA ASP D 292 -24.67 -9.27 -28.39
C ASP D 292 -24.55 -10.27 -27.23
N LEU D 293 -24.96 -9.82 -26.05
CA LEU D 293 -24.83 -10.63 -24.84
C LEU D 293 -26.17 -11.19 -24.44
#